data_4YZE
#
_entry.id   4YZE
#
_cell.length_a   67.438
_cell.length_b   67.443
_cell.length_c   213.864
_cell.angle_alpha   90.00
_cell.angle_beta   90.00
_cell.angle_gamma   90.00
#
_symmetry.space_group_name_H-M   'P 21 21 21'
#
loop_
_entity.id
_entity.type
_entity.pdbx_description
1 polymer 'HTH-type transcriptional repressor NemR'
2 water water
#
_entity_poly.entity_id   1
_entity_poly.type   'polypeptide(L)'
_entity_poly.pdbx_seq_one_letter_code
;GSMNKHTEHDTREHLLATGEQLSLQRGFTGMGLSELLKTAEVPKGSFYHYFRSKEAFGVAMLERHYAAYHQRLTELLQSG
EGNYRDRILAYYQQTLNQFSQHGTISGCLTVKLSAEVSDLSEDMRSAMDKGARGVIALLSQALENGRENHSLTFSGEPLQ
QAQVLYALWLGANLQAKISRSFEPLENALAHVKNIIATPAV
;
_entity_poly.pdbx_strand_id   A,B,C,D
#
# COMPACT_ATOMS: atom_id res chain seq x y z
N HIS A 9 13.46 32.65 -2.57
CA HIS A 9 13.72 32.88 -3.99
C HIS A 9 14.66 31.80 -4.52
N ASP A 10 15.86 31.73 -3.93
CA ASP A 10 16.78 30.63 -4.19
C ASP A 10 16.29 29.38 -3.47
N THR A 11 15.64 29.59 -2.33
CA THR A 11 15.02 28.52 -1.57
C THR A 11 13.87 27.89 -2.36
N ARG A 12 13.01 28.77 -2.88
CA ARG A 12 11.90 28.35 -3.72
C ARG A 12 12.34 27.44 -4.87
N GLU A 13 13.35 27.86 -5.63
CA GLU A 13 13.86 27.03 -6.73
C GLU A 13 14.44 25.72 -6.19
N HIS A 14 15.09 25.80 -5.04
CA HIS A 14 15.68 24.62 -4.44
C HIS A 14 14.62 23.55 -4.15
N LEU A 15 13.51 23.95 -3.53
CA LEU A 15 12.41 23.02 -3.28
C LEU A 15 11.86 22.43 -4.59
N LEU A 16 11.63 23.30 -5.58
CA LEU A 16 11.07 22.83 -6.85
C LEU A 16 12.00 21.82 -7.51
N ALA A 17 13.30 22.13 -7.51
CA ALA A 17 14.31 21.27 -8.13
C ALA A 17 14.36 19.91 -7.45
N THR A 18 14.42 19.92 -6.13
CA THR A 18 14.43 18.70 -5.34
C THR A 18 13.18 17.88 -5.65
N GLY A 19 12.02 18.54 -5.65
CA GLY A 19 10.76 17.89 -5.93
C GLY A 19 10.75 17.22 -7.29
N GLU A 20 11.36 17.86 -8.29
CA GLU A 20 11.40 17.29 -9.62
C GLU A 20 12.25 16.01 -9.63
N GLN A 21 13.44 16.08 -9.05
CA GLN A 21 14.32 14.90 -8.97
C GLN A 21 13.61 13.71 -8.31
N LEU A 22 12.95 13.98 -7.18
CA LEU A 22 12.25 12.92 -6.44
C LEU A 22 11.03 12.36 -7.16
N SER A 23 10.21 13.24 -7.75
CA SER A 23 9.06 12.84 -8.56
C SER A 23 9.53 11.93 -9.68
N LEU A 24 10.64 12.32 -10.31
CA LEU A 24 11.16 11.60 -11.46
C LEU A 24 11.60 10.21 -11.03
N GLN A 25 12.09 10.10 -9.80
CA GLN A 25 12.62 8.86 -9.27
C GLN A 25 11.52 7.91 -8.80
N ARG A 26 10.48 8.44 -8.17
CA ARG A 26 9.50 7.56 -7.52
C ARG A 26 8.04 7.96 -7.75
N GLY A 27 7.81 8.80 -8.74
CA GLY A 27 6.46 9.29 -8.99
C GLY A 27 6.11 10.47 -8.09
N PHE A 28 5.10 11.24 -8.47
CA PHE A 28 4.73 12.39 -7.66
C PHE A 28 3.90 12.01 -6.41
N THR A 29 2.91 11.15 -6.60
CA THR A 29 2.09 10.69 -5.47
C THR A 29 2.94 9.89 -4.51
N GLY A 30 3.98 9.26 -5.04
CA GLY A 30 4.92 8.50 -4.25
C GLY A 30 5.76 9.38 -3.35
N MET A 31 6.11 10.57 -3.82
CA MET A 31 6.94 11.47 -3.04
C MET A 31 6.21 12.08 -1.85
N GLY A 32 6.60 11.72 -0.63
CA GLY A 32 6.01 12.30 0.55
C GLY A 32 6.69 13.62 0.91
N LEU A 33 5.93 14.53 1.51
CA LEU A 33 6.45 15.82 1.95
C LEU A 33 7.72 15.73 2.81
N SER A 34 7.70 14.94 3.88
CA SER A 34 8.86 14.85 4.76
C SER A 34 10.10 14.37 4.01
N GLU A 35 9.92 13.48 3.05
CA GLU A 35 11.04 13.06 2.21
C GLU A 35 11.57 14.25 1.43
N LEU A 36 10.64 15.04 0.88
CA LEU A 36 11.01 16.22 0.13
C LEU A 36 11.77 17.22 1.00
N LEU A 37 11.25 17.51 2.19
CA LEU A 37 11.87 18.54 3.03
C LEU A 37 13.23 18.10 3.57
N LYS A 38 13.35 16.83 3.92
CA LYS A 38 14.60 16.32 4.47
C LYS A 38 15.68 16.31 3.39
N THR A 39 15.28 15.98 2.17
CA THR A 39 16.19 15.97 1.02
C THR A 39 16.60 17.40 0.63
N ALA A 40 15.66 18.34 0.70
CA ALA A 40 15.96 19.72 0.37
C ALA A 40 16.62 20.47 1.54
N GLU A 41 16.59 19.85 2.71
CA GLU A 41 17.06 20.49 3.94
C GLU A 41 16.38 21.83 4.16
N VAL A 42 15.05 21.79 4.13
CA VAL A 42 14.25 22.99 4.27
C VAL A 42 13.16 22.75 5.31
N PRO A 43 13.09 23.62 6.32
CA PRO A 43 12.09 23.45 7.39
C PRO A 43 10.66 23.47 6.87
N LYS A 44 9.78 22.82 7.61
CA LYS A 44 8.40 22.63 7.20
C LYS A 44 7.66 23.96 7.09
N GLY A 45 7.96 24.88 8.00
CA GLY A 45 7.32 26.18 8.01
C GLY A 45 7.69 27.01 6.78
N SER A 46 8.93 26.85 6.32
CA SER A 46 9.39 27.53 5.12
C SER A 46 8.66 27.02 3.89
N PHE A 47 8.46 25.71 3.82
CA PHE A 47 7.73 25.12 2.70
C PHE A 47 6.34 25.74 2.63
N TYR A 48 5.67 25.76 3.78
CA TYR A 48 4.31 26.25 3.85
C TYR A 48 4.23 27.76 3.67
N HIS A 49 5.37 28.44 3.78
CA HIS A 49 5.48 29.86 3.43
C HIS A 49 5.44 30.07 1.91
N TYR A 50 5.98 29.13 1.16
CA TYR A 50 6.06 29.26 -0.29
C TYR A 50 4.87 28.60 -0.99
N PHE A 51 4.42 27.48 -0.44
CA PHE A 51 3.41 26.69 -1.11
C PHE A 51 2.32 26.32 -0.13
N ARG A 52 1.09 26.54 -0.54
CA ARG A 52 -0.10 26.22 0.26
C ARG A 52 -0.13 24.74 0.63
N SER A 53 0.31 23.89 -0.28
CA SER A 53 0.23 22.45 -0.09
C SER A 53 1.11 21.68 -1.06
N LYS A 54 1.11 20.36 -0.92
CA LYS A 54 1.87 19.51 -1.80
C LYS A 54 1.33 19.66 -3.23
N GLU A 55 0.01 19.79 -3.33
CA GLU A 55 -0.63 19.92 -4.64
C GLU A 55 -0.18 21.20 -5.31
N ALA A 56 -0.17 22.29 -4.55
CA ALA A 56 0.22 23.59 -5.09
C ALA A 56 1.67 23.53 -5.60
N PHE A 57 2.51 22.90 -4.79
CA PHE A 57 3.90 22.70 -5.12
C PHE A 57 4.10 21.95 -6.45
N GLY A 58 3.32 20.88 -6.65
CA GLY A 58 3.38 20.11 -7.88
C GLY A 58 3.07 20.95 -9.11
N VAL A 59 2.08 21.82 -9.03
CA VAL A 59 1.73 22.69 -10.16
C VAL A 59 2.90 23.61 -10.48
N ALA A 60 3.44 24.27 -9.46
CA ALA A 60 4.62 25.11 -9.61
C ALA A 60 5.80 24.32 -10.17
N MET A 61 6.00 23.10 -9.66
CA MET A 61 7.06 22.22 -10.14
C MET A 61 6.90 21.96 -11.63
N LEU A 62 5.70 21.55 -12.05
CA LEU A 62 5.47 21.21 -13.45
C LEU A 62 5.66 22.45 -14.30
N GLU A 63 5.11 23.57 -13.86
CA GLU A 63 5.17 24.81 -14.64
C GLU A 63 6.62 25.20 -14.84
N ARG A 64 7.42 25.03 -13.79
CA ARG A 64 8.85 25.30 -13.88
C ARG A 64 9.46 24.36 -14.91
N HIS A 65 9.21 23.06 -14.75
CA HIS A 65 9.75 22.07 -15.65
C HIS A 65 9.38 22.31 -17.12
N TYR A 66 8.13 22.63 -17.40
CA TYR A 66 7.73 22.80 -18.79
C TYR A 66 8.23 24.13 -19.35
N ALA A 67 8.36 25.14 -18.48
CA ALA A 67 8.84 26.44 -18.93
C ALA A 67 10.26 26.32 -19.48
N ALA A 68 11.08 25.59 -18.74
CA ALA A 68 12.47 25.38 -19.12
C ALA A 68 12.58 24.51 -20.37
N TYR A 69 11.80 23.44 -20.43
CA TYR A 69 11.81 22.52 -21.58
C TYR A 69 11.30 23.21 -22.85
N HIS A 70 10.31 24.07 -22.68
CA HIS A 70 9.74 24.81 -23.80
C HIS A 70 10.81 25.72 -24.41
N GLN A 71 11.64 26.30 -23.54
CA GLN A 71 12.68 27.23 -23.97
C GLN A 71 13.79 26.47 -24.70
N ARG A 72 14.28 25.39 -24.08
CA ARG A 72 15.27 24.54 -24.76
C ARG A 72 14.79 24.14 -26.16
N LEU A 73 13.57 23.63 -26.24
CA LEU A 73 12.98 23.20 -27.49
C LEU A 73 12.86 24.36 -28.49
N THR A 74 12.51 25.56 -28.00
CA THR A 74 12.41 26.74 -28.85
C THR A 74 13.76 27.06 -29.48
N GLU A 75 14.82 27.06 -28.66
CA GLU A 75 16.16 27.34 -29.16
C GLU A 75 16.57 26.29 -30.19
N LEU A 76 16.19 25.04 -29.96
CA LEU A 76 16.53 23.96 -30.88
C LEU A 76 15.85 24.16 -32.23
N LEU A 77 14.57 24.49 -32.21
CA LEU A 77 13.79 24.55 -33.44
C LEU A 77 13.85 25.90 -34.17
N GLN A 78 14.01 26.98 -33.42
CA GLN A 78 13.93 28.32 -34.01
C GLN A 78 15.28 28.84 -34.47
N SER A 79 16.36 28.32 -33.88
CA SER A 79 17.69 28.84 -34.19
C SER A 79 18.80 27.80 -34.07
N GLY A 80 18.45 26.52 -34.16
CA GLY A 80 19.43 25.45 -34.13
C GLY A 80 20.27 25.40 -35.40
N GLU A 81 21.17 24.43 -35.47
CA GLU A 81 22.05 24.29 -36.64
C GLU A 81 21.36 23.60 -37.82
N GLY A 82 21.40 24.24 -38.99
CA GLY A 82 20.82 23.68 -40.20
C GLY A 82 19.41 24.16 -40.50
N ASN A 83 18.70 23.45 -41.37
CA ASN A 83 17.33 23.84 -41.73
C ASN A 83 16.28 23.23 -40.81
N TYR A 84 15.01 23.55 -41.06
CA TYR A 84 13.95 23.07 -40.19
C TYR A 84 13.84 21.55 -40.18
N ARG A 85 14.22 20.89 -41.26
CA ARG A 85 14.18 19.44 -41.24
C ARG A 85 15.27 18.93 -40.30
N ASP A 86 16.48 19.47 -40.41
CA ASP A 86 17.58 19.09 -39.54
C ASP A 86 17.23 19.29 -38.07
N ARG A 87 16.53 20.38 -37.79
CA ARG A 87 16.20 20.70 -36.40
C ARG A 87 15.16 19.74 -35.84
N ILE A 88 14.17 19.40 -36.65
CA ILE A 88 13.20 18.40 -36.24
C ILE A 88 13.86 17.05 -35.96
N LEU A 89 14.77 16.61 -36.85
CA LEU A 89 15.45 15.35 -36.62
C LEU A 89 16.26 15.41 -35.32
N ALA A 90 16.78 16.59 -35.01
CA ALA A 90 17.62 16.75 -33.83
C ALA A 90 16.81 16.52 -32.54
N TYR A 91 15.53 16.86 -32.59
CA TYR A 91 14.60 16.63 -31.50
C TYR A 91 14.60 15.15 -31.17
N TYR A 92 14.49 14.29 -32.19
CA TYR A 92 14.57 12.88 -31.90
C TYR A 92 15.97 12.41 -31.55
N GLN A 93 16.99 13.02 -32.16
CA GLN A 93 18.37 12.59 -31.91
C GLN A 93 18.78 12.94 -30.48
N GLN A 94 18.36 14.11 -30.01
CA GLN A 94 18.60 14.52 -28.62
C GLN A 94 17.91 13.57 -27.63
N THR A 95 16.69 13.17 -27.96
CA THR A 95 15.95 12.22 -27.14
C THR A 95 16.75 10.95 -27.04
N LEU A 96 17.29 10.49 -28.17
CA LEU A 96 18.19 9.32 -28.17
C LEU A 96 19.38 9.50 -27.24
N ASN A 97 19.99 10.68 -27.25
CA ASN A 97 21.18 10.91 -26.44
C ASN A 97 20.86 10.99 -24.96
N GLN A 98 19.79 11.72 -24.64
CA GLN A 98 19.37 11.97 -23.28
C GLN A 98 18.51 10.85 -22.72
N PHE A 99 18.60 9.67 -23.34
CA PHE A 99 17.81 8.53 -22.91
C PHE A 99 18.35 7.99 -21.58
N SER A 100 19.65 7.72 -21.55
CA SER A 100 20.30 7.40 -20.29
C SER A 100 21.61 8.15 -20.18
N GLN A 101 22.09 8.32 -18.95
CA GLN A 101 23.41 8.90 -18.72
C GLN A 101 24.21 7.98 -17.81
N HIS A 102 25.46 7.73 -18.17
CA HIS A 102 26.37 6.92 -17.36
C HIS A 102 25.80 5.54 -16.99
N GLY A 103 24.99 4.97 -17.88
CA GLY A 103 24.41 3.66 -17.66
C GLY A 103 22.99 3.72 -17.12
N THR A 104 22.72 4.66 -16.22
CA THR A 104 21.39 4.78 -15.63
C THR A 104 20.39 5.46 -16.58
N ILE A 105 19.25 4.82 -16.79
CA ILE A 105 18.18 5.44 -17.59
C ILE A 105 17.69 6.70 -16.89
N SER A 106 17.86 7.83 -17.55
CA SER A 106 17.39 9.11 -17.03
C SER A 106 15.95 9.30 -17.51
N GLY A 107 15.00 9.10 -16.59
CA GLY A 107 13.59 9.13 -16.95
C GLY A 107 13.11 10.44 -17.55
N CYS A 108 11.84 10.46 -17.95
CA CYS A 108 11.23 11.69 -18.45
C CYS A 108 9.99 12.00 -17.60
N LEU A 109 9.86 13.25 -17.16
CA LEU A 109 8.80 13.61 -16.22
C LEU A 109 7.41 13.38 -16.78
N THR A 110 7.18 13.83 -18.01
CA THR A 110 5.86 13.64 -18.61
C THR A 110 5.53 12.16 -18.67
N VAL A 111 6.49 11.38 -19.17
CA VAL A 111 6.31 9.94 -19.30
C VAL A 111 6.02 9.26 -17.97
N LYS A 112 6.81 9.59 -16.94
CA LYS A 112 6.59 9.03 -15.61
C LYS A 112 5.26 9.46 -15.03
N LEU A 113 4.91 10.72 -15.20
CA LEU A 113 3.70 11.24 -14.55
C LEU A 113 2.41 10.90 -15.33
N SER A 114 2.56 10.51 -16.59
CA SER A 114 1.47 9.88 -17.35
C SER A 114 0.67 8.90 -16.49
N ALA A 115 1.36 7.92 -15.89
CA ALA A 115 0.65 6.84 -15.21
C ALA A 115 0.02 7.26 -13.89
N GLU A 116 0.06 8.56 -13.58
CA GLU A 116 -0.53 9.08 -12.36
C GLU A 116 -1.67 10.04 -12.62
N VAL A 117 -1.85 10.44 -13.89
CA VAL A 117 -2.85 11.48 -14.21
C VAL A 117 -4.21 11.04 -13.71
N SER A 118 -4.44 9.73 -13.73
CA SER A 118 -5.53 9.10 -13.01
C SER A 118 -5.71 9.68 -11.61
N ASP A 119 -4.62 9.75 -10.85
CA ASP A 119 -4.67 10.21 -9.47
C ASP A 119 -3.92 11.54 -9.23
N LEU A 120 -4.30 12.59 -9.96
CA LEU A 120 -3.70 13.92 -9.80
C LEU A 120 -4.75 15.02 -9.79
N SER A 121 -4.46 16.15 -9.14
CA SER A 121 -5.37 17.29 -9.22
C SER A 121 -5.61 17.75 -10.66
N GLU A 122 -6.78 18.32 -10.92
CA GLU A 122 -7.03 18.89 -12.23
C GLU A 122 -5.95 19.92 -12.51
N ASP A 123 -5.54 20.66 -11.48
CA ASP A 123 -4.51 21.68 -11.68
C ASP A 123 -3.22 21.07 -12.24
N MET A 124 -2.85 19.89 -11.75
CA MET A 124 -1.63 19.23 -12.26
C MET A 124 -1.81 18.56 -13.62
N ARG A 125 -2.91 17.84 -13.82
CA ARG A 125 -3.20 17.26 -15.13
C ARG A 125 -3.22 18.36 -16.18
N SER A 126 -3.78 19.50 -15.82
CA SER A 126 -3.89 20.64 -16.72
C SER A 126 -2.52 21.25 -17.01
N ALA A 127 -1.67 21.31 -16.00
CA ALA A 127 -0.28 21.74 -16.21
C ALA A 127 0.43 20.85 -17.23
N MET A 128 0.16 19.54 -17.18
CA MET A 128 0.77 18.60 -18.11
C MET A 128 0.20 18.76 -19.50
N ASP A 129 -1.12 18.97 -19.57
CA ASP A 129 -1.80 19.08 -20.84
C ASP A 129 -1.18 20.30 -21.53
N LYS A 130 -1.11 21.40 -20.79
CA LYS A 130 -0.46 22.63 -21.24
C LYS A 130 0.99 22.39 -21.66
N GLY A 131 1.73 21.60 -20.88
CA GLY A 131 3.11 21.27 -21.23
C GLY A 131 3.19 20.64 -22.61
N ALA A 132 2.38 19.60 -22.81
CA ALA A 132 2.30 18.91 -24.07
C ALA A 132 1.87 19.84 -25.23
N ARG A 133 0.84 20.65 -25.01
CA ARG A 133 0.36 21.57 -26.05
C ARG A 133 1.48 22.50 -26.54
N GLY A 134 2.29 23.00 -25.60
CA GLY A 134 3.45 23.82 -25.92
C GLY A 134 4.44 23.11 -26.83
N VAL A 135 4.74 21.84 -26.57
CA VAL A 135 5.72 21.14 -27.40
C VAL A 135 5.17 20.96 -28.81
N ILE A 136 3.91 20.54 -28.87
CA ILE A 136 3.25 20.27 -30.12
C ILE A 136 3.21 21.53 -30.97
N ALA A 137 2.90 22.65 -30.35
CA ALA A 137 2.81 23.91 -31.10
C ALA A 137 4.17 24.33 -31.63
N LEU A 138 5.25 24.06 -30.91
CA LEU A 138 6.58 24.37 -31.42
C LEU A 138 6.94 23.50 -32.64
N LEU A 139 6.65 22.21 -32.55
CA LEU A 139 6.90 21.27 -33.64
C LEU A 139 6.07 21.65 -34.87
N SER A 140 4.84 22.07 -34.63
CA SER A 140 3.92 22.48 -35.69
C SER A 140 4.45 23.71 -36.43
N GLN A 141 4.95 24.69 -35.69
CA GLN A 141 5.48 25.90 -36.30
C GLN A 141 6.72 25.56 -37.15
N ALA A 142 7.56 24.64 -36.64
CA ALA A 142 8.75 24.20 -37.37
C ALA A 142 8.37 23.55 -38.69
N LEU A 143 7.34 22.70 -38.65
CA LEU A 143 6.89 22.02 -39.85
C LEU A 143 6.41 23.03 -40.90
N GLU A 144 5.63 24.02 -40.46
CA GLU A 144 5.06 25.03 -41.35
C GLU A 144 6.18 25.88 -41.96
N ASN A 145 7.10 26.33 -41.11
CA ASN A 145 8.29 27.04 -41.57
C ASN A 145 9.05 26.26 -42.63
N GLY A 146 9.20 24.96 -42.38
CA GLY A 146 9.92 24.07 -43.28
C GLY A 146 9.25 23.98 -44.63
N ARG A 147 7.91 23.99 -44.64
CA ARG A 147 7.19 24.03 -45.91
C ARG A 147 7.40 25.36 -46.59
N GLU A 148 7.39 26.44 -45.80
CA GLU A 148 7.42 27.79 -46.36
C GLU A 148 8.77 28.18 -46.93
N ASN A 149 9.86 27.62 -46.40
CA ASN A 149 11.15 27.82 -47.04
C ASN A 149 11.65 26.60 -47.84
N HIS A 150 10.79 25.60 -48.03
CA HIS A 150 11.06 24.46 -48.90
C HIS A 150 12.18 23.52 -48.37
N SER A 151 12.32 23.44 -47.04
CA SER A 151 13.26 22.53 -46.36
C SER A 151 12.76 21.08 -46.26
N LEU A 152 11.44 20.90 -46.31
CA LEU A 152 10.87 19.61 -45.95
C LEU A 152 9.47 19.47 -46.50
N THR A 153 9.04 18.23 -46.66
CA THR A 153 7.71 17.94 -47.17
C THR A 153 7.12 16.81 -46.33
N PHE A 154 5.80 16.80 -46.22
CA PHE A 154 5.07 15.73 -45.52
C PHE A 154 3.59 15.79 -45.90
N SER A 155 2.83 14.77 -45.49
CA SER A 155 1.40 14.72 -45.77
C SER A 155 0.57 15.43 -44.70
N GLY A 156 -0.35 16.30 -45.12
CA GLY A 156 -1.33 16.88 -44.20
C GLY A 156 -1.01 18.18 -43.50
N GLU A 157 -1.89 18.56 -42.58
CA GLU A 157 -1.74 19.78 -41.76
C GLU A 157 -0.61 19.67 -40.73
N PRO A 158 0.09 20.79 -40.48
CA PRO A 158 1.22 20.88 -39.55
C PRO A 158 0.84 20.42 -38.14
N LEU A 159 -0.29 20.89 -37.64
CA LEU A 159 -0.72 20.53 -36.28
C LEU A 159 -0.96 19.04 -36.17
N GLN A 160 -1.74 18.50 -37.11
CA GLN A 160 -1.96 17.07 -37.18
C GLN A 160 -0.62 16.31 -37.18
N GLN A 161 0.30 16.75 -38.03
CA GLN A 161 1.55 16.03 -38.13
C GLN A 161 2.37 16.25 -36.88
N ALA A 162 2.30 17.45 -36.29
CA ALA A 162 3.03 17.70 -35.04
C ALA A 162 2.55 16.79 -33.90
N GLN A 163 1.25 16.50 -33.87
CA GLN A 163 0.67 15.73 -32.77
C GLN A 163 1.09 14.28 -32.86
N VAL A 164 1.15 13.79 -34.09
CA VAL A 164 1.65 12.44 -34.35
C VAL A 164 3.09 12.33 -33.92
N LEU A 165 3.91 13.33 -34.25
CA LEU A 165 5.33 13.31 -33.87
C LEU A 165 5.47 13.25 -32.35
N TYR A 166 4.63 14.00 -31.66
CA TYR A 166 4.68 14.00 -30.20
C TYR A 166 4.19 12.67 -29.66
N ALA A 167 3.07 12.17 -30.20
CA ALA A 167 2.57 10.88 -29.74
C ALA A 167 3.63 9.81 -29.98
N LEU A 168 4.30 9.90 -31.13
CA LEU A 168 5.33 8.91 -31.47
C LEU A 168 6.49 8.94 -30.48
N TRP A 169 6.97 10.14 -30.20
CA TRP A 169 8.05 10.37 -29.24
C TRP A 169 7.69 9.82 -27.85
N LEU A 170 6.46 10.06 -27.44
CA LEU A 170 5.95 9.62 -26.13
C LEU A 170 5.91 8.10 -26.08
N GLY A 171 5.34 7.49 -27.11
CA GLY A 171 5.17 6.04 -27.10
C GLY A 171 6.50 5.32 -27.22
N ALA A 172 7.42 5.93 -27.96
CA ALA A 172 8.70 5.27 -28.18
C ALA A 172 9.50 5.29 -26.90
N ASN A 173 9.43 6.42 -26.19
CA ASN A 173 10.07 6.56 -24.89
C ASN A 173 9.54 5.55 -23.88
N LEU A 174 8.22 5.40 -23.87
CA LEU A 174 7.55 4.48 -22.96
C LEU A 174 8.09 3.10 -23.21
N GLN A 175 8.06 2.73 -24.49
CA GLN A 175 8.52 1.44 -24.92
C GLN A 175 10.01 1.23 -24.70
N ALA A 176 10.82 2.28 -24.89
CA ALA A 176 12.26 2.15 -24.66
C ALA A 176 12.48 1.83 -23.18
N LYS A 177 11.71 2.52 -22.34
CA LYS A 177 11.87 2.42 -20.90
C LYS A 177 11.54 1.01 -20.44
N ILE A 178 10.38 0.52 -20.87
CA ILE A 178 9.93 -0.82 -20.54
C ILE A 178 10.91 -1.89 -20.98
N SER A 179 11.32 -1.85 -22.24
CA SER A 179 12.19 -2.89 -22.77
C SER A 179 13.66 -2.64 -22.47
N ARG A 180 14.00 -1.49 -21.89
CA ARG A 180 15.41 -1.14 -21.72
C ARG A 180 16.21 -1.28 -23.02
N SER A 181 15.65 -0.79 -24.11
CA SER A 181 16.38 -0.81 -25.38
C SER A 181 16.13 0.55 -25.94
N PHE A 182 17.12 1.12 -26.63
CA PHE A 182 16.85 2.37 -27.35
C PHE A 182 16.38 2.12 -28.78
N GLU A 183 16.16 0.85 -29.12
CA GLU A 183 15.63 0.50 -30.44
C GLU A 183 14.32 1.24 -30.80
N PRO A 184 13.37 1.36 -29.86
CA PRO A 184 12.18 2.12 -30.23
C PRO A 184 12.48 3.57 -30.59
N LEU A 185 13.47 4.19 -29.93
CA LEU A 185 13.85 5.58 -30.25
C LEU A 185 14.57 5.65 -31.62
N GLU A 186 15.51 4.73 -31.88
CA GLU A 186 16.23 4.74 -33.16
C GLU A 186 15.21 4.45 -34.24
N ASN A 187 14.25 3.58 -33.94
CA ASN A 187 13.29 3.26 -34.98
C ASN A 187 12.38 4.44 -35.24
N ALA A 188 12.01 5.18 -34.19
CA ALA A 188 11.19 6.39 -34.38
C ALA A 188 11.94 7.42 -35.22
N LEU A 189 13.22 7.63 -34.91
CA LEU A 189 14.06 8.58 -35.64
C LEU A 189 14.09 8.20 -37.11
N ALA A 190 14.32 6.92 -37.41
CA ALA A 190 14.43 6.50 -38.80
C ALA A 190 13.10 6.72 -39.54
N HIS A 191 11.99 6.52 -38.83
CA HIS A 191 10.69 6.69 -39.48
C HIS A 191 10.36 8.18 -39.73
N VAL A 192 10.74 9.04 -38.80
CA VAL A 192 10.60 10.49 -39.00
C VAL A 192 11.39 10.97 -40.21
N LYS A 193 12.62 10.46 -40.35
CA LYS A 193 13.47 10.78 -41.51
C LYS A 193 12.77 10.50 -42.82
N ASN A 194 11.95 9.47 -42.84
CA ASN A 194 11.25 9.09 -44.07
C ASN A 194 9.94 9.87 -44.26
N ILE A 195 9.29 10.21 -43.15
CA ILE A 195 8.00 10.88 -43.19
C ILE A 195 8.15 12.38 -43.45
N ILE A 196 9.11 13.00 -42.76
CA ILE A 196 9.44 14.41 -42.96
C ILE A 196 10.64 14.43 -43.90
N ALA A 197 10.36 14.48 -45.20
CA ALA A 197 11.39 14.27 -46.22
C ALA A 197 11.99 15.55 -46.75
N THR A 198 13.13 15.43 -47.40
CA THR A 198 13.67 16.52 -48.17
C THR A 198 12.87 16.58 -49.47
N PRO A 199 12.54 17.79 -49.91
CA PRO A 199 11.81 17.99 -51.18
C PRO A 199 12.57 17.32 -52.33
N ALA A 200 11.85 16.81 -53.33
CA ALA A 200 12.44 16.18 -54.52
C ALA A 200 13.56 17.01 -55.15
N VAL A 201 13.39 18.33 -55.11
CA VAL A 201 14.43 19.27 -55.51
C VAL A 201 14.09 20.66 -55.00
N ASP B 10 20.84 -24.00 10.01
CA ASP B 10 21.90 -23.04 9.75
C ASP B 10 21.41 -21.86 8.91
N THR B 11 21.26 -22.06 7.60
CA THR B 11 20.71 -21.01 6.74
C THR B 11 19.18 -20.89 6.90
N ARG B 12 18.51 -22.03 7.06
CA ARG B 12 17.08 -22.07 7.35
C ARG B 12 16.78 -21.38 8.69
N GLU B 13 17.63 -21.64 9.68
CA GLU B 13 17.52 -21.01 10.99
C GLU B 13 17.80 -19.51 10.90
N HIS B 14 18.75 -19.11 10.06
CA HIS B 14 19.04 -17.70 9.85
C HIS B 14 17.83 -16.99 9.22
N LEU B 15 17.14 -17.66 8.30
CA LEU B 15 15.89 -17.13 7.72
C LEU B 15 14.84 -16.92 8.82
N LEU B 16 14.57 -17.97 9.59
CA LEU B 16 13.58 -17.91 10.67
C LEU B 16 13.87 -16.78 11.66
N ALA B 17 15.12 -16.74 12.16
CA ALA B 17 15.55 -15.71 13.09
C ALA B 17 15.36 -14.29 12.53
N THR B 18 15.82 -14.10 11.30
CA THR B 18 15.65 -12.82 10.63
C THR B 18 14.15 -12.46 10.53
N GLY B 19 13.32 -13.45 10.22
CA GLY B 19 11.89 -13.24 10.11
C GLY B 19 11.23 -12.83 11.42
N GLU B 20 11.65 -13.45 12.51
CA GLU B 20 11.06 -13.15 13.82
C GLU B 20 11.36 -11.70 14.22
N GLN B 21 12.61 -11.29 14.04
CA GLN B 21 13.07 -9.93 14.37
C GLN B 21 12.36 -8.89 13.54
N LEU B 22 12.22 -9.15 12.24
CA LEU B 22 11.53 -8.22 11.36
C LEU B 22 10.04 -8.14 11.69
N SER B 23 9.43 -9.28 12.01
CA SER B 23 8.03 -9.30 12.38
C SER B 23 7.78 -8.47 13.65
N LEU B 24 8.68 -8.59 14.63
CA LEU B 24 8.61 -7.82 15.86
C LEU B 24 8.60 -6.32 15.59
N GLN B 25 9.37 -5.90 14.59
CA GLN B 25 9.52 -4.48 14.31
C GLN B 25 8.35 -3.90 13.53
N ARG B 26 7.82 -4.66 12.58
CA ARG B 26 6.88 -4.11 11.62
C ARG B 26 5.69 -5.02 11.32
N GLY B 27 5.55 -6.11 12.07
CA GLY B 27 4.51 -7.07 11.80
C GLY B 27 4.89 -8.07 10.72
N PHE B 28 4.15 -9.17 10.64
CA PHE B 28 4.43 -10.20 9.65
C PHE B 28 3.84 -9.85 8.28
N THR B 29 2.62 -9.33 8.27
CA THR B 29 1.93 -9.00 7.03
C THR B 29 2.65 -7.88 6.26
N GLY B 30 3.16 -6.90 7.00
CA GLY B 30 3.88 -5.79 6.40
C GLY B 30 5.30 -6.14 5.99
N MET B 31 5.76 -7.35 6.30
CA MET B 31 7.11 -7.76 5.95
C MET B 31 7.13 -8.31 4.54
N GLY B 32 7.59 -7.51 3.58
CA GLY B 32 7.77 -7.99 2.22
C GLY B 32 8.76 -9.14 2.15
N LEU B 33 8.54 -10.07 1.21
CA LEU B 33 9.51 -11.14 1.00
C LEU B 33 10.89 -10.53 0.71
N SER B 34 10.92 -9.56 -0.21
CA SER B 34 12.16 -8.90 -0.59
C SER B 34 12.95 -8.43 0.62
N GLU B 35 12.27 -7.75 1.52
CA GLU B 35 12.89 -7.23 2.75
C GLU B 35 13.50 -8.31 3.62
N LEU B 36 12.80 -9.44 3.75
CA LEU B 36 13.31 -10.60 4.47
C LEU B 36 14.61 -11.06 3.81
N LEU B 37 14.55 -11.18 2.49
CA LEU B 37 15.67 -11.72 1.72
C LEU B 37 16.87 -10.79 1.74
N LYS B 38 16.62 -9.49 1.61
CA LYS B 38 17.68 -8.48 1.71
C LYS B 38 18.34 -8.51 3.09
N THR B 39 17.53 -8.65 4.13
CA THR B 39 18.04 -8.60 5.50
C THR B 39 18.82 -9.87 5.86
N ALA B 40 18.25 -11.03 5.55
CA ALA B 40 18.91 -12.31 5.80
C ALA B 40 20.08 -12.54 4.86
N GLU B 41 20.22 -11.68 3.85
CA GLU B 41 21.24 -11.85 2.80
C GLU B 41 21.11 -13.22 2.13
N VAL B 42 19.90 -13.60 1.77
CA VAL B 42 19.62 -14.91 1.16
C VAL B 42 18.84 -14.73 -0.14
N PRO B 43 19.28 -15.39 -1.23
CA PRO B 43 18.50 -15.21 -2.46
C PRO B 43 17.16 -15.95 -2.45
N LYS B 44 16.22 -15.45 -3.24
CA LYS B 44 14.86 -15.96 -3.41
C LYS B 44 14.83 -17.47 -3.63
N GLY B 45 15.65 -17.93 -4.58
CA GLY B 45 15.67 -19.33 -4.96
C GLY B 45 15.95 -20.27 -3.80
N SER B 46 16.88 -19.87 -2.93
CA SER B 46 17.24 -20.71 -1.81
C SER B 46 16.19 -20.62 -0.69
N PHE B 47 15.57 -19.46 -0.50
CA PHE B 47 14.39 -19.36 0.36
C PHE B 47 13.39 -20.44 -0.02
N TYR B 48 13.13 -20.57 -1.32
CA TYR B 48 12.16 -21.54 -1.81
C TYR B 48 12.65 -22.98 -1.72
N HIS B 49 13.94 -23.16 -1.48
CA HIS B 49 14.42 -24.51 -1.16
C HIS B 49 13.93 -24.94 0.23
N TYR B 50 13.81 -23.99 1.14
CA TYR B 50 13.41 -24.31 2.51
C TYR B 50 11.92 -24.11 2.74
N PHE B 51 11.34 -23.11 2.09
CA PHE B 51 9.94 -22.79 2.33
C PHE B 51 9.14 -22.67 1.05
N ARG B 52 7.91 -23.15 1.09
CA ARG B 52 7.08 -23.15 -0.11
C ARG B 52 6.60 -21.73 -0.46
N SER B 53 6.51 -20.87 0.55
CA SER B 53 5.88 -19.57 0.42
C SER B 53 6.08 -18.79 1.70
N LYS B 54 5.81 -17.49 1.67
CA LYS B 54 5.89 -16.66 2.87
C LYS B 54 4.99 -17.19 3.97
N GLU B 55 3.83 -17.72 3.58
CA GLU B 55 2.84 -18.21 4.53
C GLU B 55 3.41 -19.44 5.25
N ALA B 56 4.01 -20.36 4.49
CA ALA B 56 4.61 -21.55 5.08
C ALA B 56 5.75 -21.15 5.98
N PHE B 57 6.55 -20.19 5.52
CA PHE B 57 7.58 -19.60 6.34
C PHE B 57 7.00 -19.05 7.66
N GLY B 58 5.88 -18.34 7.57
CA GLY B 58 5.27 -17.75 8.76
C GLY B 58 4.90 -18.78 9.82
N VAL B 59 4.31 -19.89 9.38
CA VAL B 59 3.94 -20.95 10.32
C VAL B 59 5.19 -21.48 11.02
N ALA B 60 6.22 -21.80 10.24
CA ALA B 60 7.47 -22.34 10.78
C ALA B 60 8.10 -21.37 11.77
N MET B 61 8.00 -20.08 11.47
CA MET B 61 8.59 -19.04 12.31
C MET B 61 7.88 -19.02 13.66
N LEU B 62 6.56 -19.19 13.62
CA LEU B 62 5.75 -19.15 14.84
C LEU B 62 6.03 -20.37 15.71
N GLU B 63 6.10 -21.55 15.08
CA GLU B 63 6.28 -22.79 15.82
C GLU B 63 7.62 -22.80 16.55
N ARG B 64 8.66 -22.35 15.85
CA ARG B 64 9.99 -22.25 16.44
C ARG B 64 9.95 -21.27 17.60
N HIS B 65 9.28 -20.14 17.39
CA HIS B 65 9.17 -19.14 18.43
C HIS B 65 8.50 -19.71 19.69
N TYR B 66 7.35 -20.36 19.52
CA TYR B 66 6.60 -20.86 20.67
C TYR B 66 7.28 -22.06 21.31
N ALA B 67 7.94 -22.88 20.51
CA ALA B 67 8.69 -24.01 21.08
C ALA B 67 9.81 -23.48 21.98
N ALA B 68 10.48 -22.41 21.56
CA ALA B 68 11.56 -21.85 22.37
C ALA B 68 11.00 -21.21 23.66
N TYR B 69 9.96 -20.42 23.52
CA TYR B 69 9.37 -19.73 24.66
C TYR B 69 8.78 -20.71 25.66
N HIS B 70 8.05 -21.70 25.14
CA HIS B 70 7.48 -22.76 25.97
C HIS B 70 8.56 -23.45 26.82
N GLN B 71 9.74 -23.71 26.23
CA GLN B 71 10.82 -24.35 26.98
C GLN B 71 11.40 -23.42 28.04
N ARG B 72 11.54 -22.15 27.68
CA ARG B 72 12.01 -21.12 28.59
C ARG B 72 11.09 -21.02 29.80
N LEU B 73 9.79 -20.97 29.53
CA LEU B 73 8.77 -20.83 30.56
C LEU B 73 8.71 -22.07 31.47
N THR B 74 8.82 -23.26 30.86
CA THR B 74 8.92 -24.51 31.60
C THR B 74 10.02 -24.45 32.64
N GLU B 75 11.21 -24.03 32.23
CA GLU B 75 12.35 -23.93 33.13
C GLU B 75 12.09 -22.90 34.23
N LEU B 76 11.47 -21.78 33.86
CA LEU B 76 11.17 -20.73 34.83
C LEU B 76 10.13 -21.20 35.85
N LEU B 77 9.23 -22.08 35.42
CA LEU B 77 8.13 -22.51 36.27
C LEU B 77 8.40 -23.82 36.99
N GLN B 78 9.31 -24.62 36.46
CA GLN B 78 9.55 -25.97 36.98
C GLN B 78 10.91 -26.13 37.65
N SER B 79 11.88 -25.30 37.29
CA SER B 79 13.23 -25.43 37.82
C SER B 79 13.73 -24.14 38.45
N GLY B 80 12.88 -23.12 38.46
CA GLY B 80 13.26 -21.79 38.91
C GLY B 80 13.60 -21.65 40.39
N GLU B 81 13.60 -20.40 40.86
CA GLU B 81 13.98 -20.11 42.24
C GLU B 81 13.00 -20.67 43.28
N GLY B 82 12.96 -22.00 43.38
CA GLY B 82 12.29 -22.66 44.50
C GLY B 82 10.78 -22.80 44.48
N ASN B 83 10.10 -21.79 45.03
CA ASN B 83 8.66 -21.85 45.35
C ASN B 83 7.73 -21.59 44.15
N TYR B 84 6.63 -22.33 44.03
CA TYR B 84 5.74 -22.17 42.87
C TYR B 84 5.06 -20.80 42.81
N ARG B 85 4.68 -20.25 43.96
CA ARG B 85 4.18 -18.88 43.98
C ARG B 85 5.26 -17.92 43.50
N ASP B 86 6.47 -18.04 44.04
CA ASP B 86 7.59 -17.22 43.59
C ASP B 86 7.84 -17.34 42.08
N ARG B 87 7.79 -18.56 41.54
CA ARG B 87 8.05 -18.75 40.12
C ARG B 87 6.94 -18.12 39.28
N ILE B 88 5.72 -18.14 39.81
CA ILE B 88 4.61 -17.48 39.12
C ILE B 88 4.77 -15.95 39.17
N LEU B 89 5.19 -15.42 40.32
CA LEU B 89 5.44 -13.98 40.38
C LEU B 89 6.57 -13.60 39.46
N ALA B 90 7.56 -14.48 39.36
CA ALA B 90 8.69 -14.26 38.47
C ALA B 90 8.24 -14.10 37.00
N TYR B 91 7.14 -14.74 36.62
CA TYR B 91 6.62 -14.62 35.25
C TYR B 91 6.30 -13.17 34.95
N TYR B 92 5.67 -12.46 35.88
CA TYR B 92 5.52 -11.02 35.71
C TYR B 92 6.84 -10.29 35.94
N GLN B 93 7.57 -10.68 36.97
CA GLN B 93 8.78 -9.96 37.37
C GLN B 93 9.94 -10.07 36.37
N GLN B 94 10.11 -11.24 35.76
CA GLN B 94 11.16 -11.43 34.76
C GLN B 94 10.96 -10.47 33.58
N THR B 95 9.70 -10.25 33.21
CA THR B 95 9.38 -9.31 32.15
C THR B 95 9.62 -7.89 32.67
N LEU B 96 9.30 -7.67 33.93
CA LEU B 96 9.58 -6.40 34.56
C LEU B 96 11.09 -6.13 34.57
N ASN B 97 11.87 -7.16 34.87
CA ASN B 97 13.33 -7.02 34.95
C ASN B 97 13.98 -6.78 33.59
N GLN B 98 13.24 -7.05 32.53
CA GLN B 98 13.82 -7.12 31.18
C GLN B 98 14.37 -5.80 30.62
N PHE B 99 14.02 -4.68 31.24
CA PHE B 99 14.38 -3.35 30.70
C PHE B 99 15.81 -3.19 30.17
N SER B 106 11.50 -4.81 24.40
CA SER B 106 10.28 -4.78 25.20
C SER B 106 9.06 -5.12 24.33
N GLY B 107 9.30 -5.84 23.24
CA GLY B 107 8.23 -6.26 22.35
C GLY B 107 7.89 -7.73 22.50
N CYS B 108 6.60 -8.04 22.47
CA CYS B 108 6.15 -9.42 22.53
C CYS B 108 5.50 -9.80 21.20
N LEU B 109 5.94 -10.90 20.61
CA LEU B 109 5.47 -11.28 19.27
C LEU B 109 3.98 -11.58 19.26
N THR B 110 3.48 -12.24 20.32
CA THR B 110 2.06 -12.52 20.43
C THR B 110 1.28 -11.20 20.46
N VAL B 111 1.79 -10.24 21.24
CA VAL B 111 1.16 -8.93 21.30
C VAL B 111 1.19 -8.23 19.95
N LYS B 112 2.37 -8.16 19.34
CA LYS B 112 2.53 -7.57 18.03
C LYS B 112 1.60 -8.18 16.98
N LEU B 113 1.58 -9.51 16.87
CA LEU B 113 0.77 -10.17 15.85
C LEU B 113 -0.75 -10.11 16.11
N SER B 114 -1.13 -10.02 17.37
CA SER B 114 -2.54 -9.96 17.74
C SER B 114 -3.29 -8.84 17.00
N ALA B 115 -2.56 -7.83 16.55
CA ALA B 115 -3.16 -6.68 15.90
C ALA B 115 -3.44 -6.91 14.41
N GLU B 116 -2.97 -8.03 13.88
CA GLU B 116 -3.18 -8.36 12.47
C GLU B 116 -3.75 -9.76 12.27
N VAL B 117 -4.36 -10.31 13.33
CA VAL B 117 -4.88 -11.67 13.29
C VAL B 117 -5.88 -11.87 12.16
N SER B 118 -6.72 -10.86 11.94
CA SER B 118 -7.69 -10.88 10.85
C SER B 118 -6.97 -10.99 9.50
N ASP B 119 -5.73 -10.52 9.44
CA ASP B 119 -4.98 -10.56 8.17
C ASP B 119 -4.16 -11.85 7.99
N LEU B 120 -3.88 -12.55 9.09
CA LEU B 120 -3.04 -13.75 9.06
C LEU B 120 -3.81 -14.93 8.47
N SER B 121 -3.10 -15.83 7.79
CA SER B 121 -3.72 -17.07 7.35
C SER B 121 -4.26 -17.85 8.57
N GLU B 122 -5.23 -18.71 8.29
CA GLU B 122 -5.78 -19.58 9.29
C GLU B 122 -4.69 -20.44 9.92
N ASP B 123 -3.77 -20.96 9.10
CA ASP B 123 -2.67 -21.78 9.65
C ASP B 123 -1.79 -21.02 10.64
N MET B 124 -1.47 -19.77 10.34
CA MET B 124 -0.65 -19.00 11.27
C MET B 124 -1.43 -18.60 12.52
N ARG B 125 -2.73 -18.35 12.38
CA ARG B 125 -3.54 -17.98 13.51
C ARG B 125 -3.60 -19.17 14.48
N SER B 126 -3.74 -20.38 13.94
CA SER B 126 -3.80 -21.58 14.78
C SER B 126 -2.47 -21.79 15.48
N ALA B 127 -1.37 -21.48 14.79
CA ALA B 127 -0.09 -21.54 15.46
C ALA B 127 -0.01 -20.55 16.63
N MET B 128 -0.55 -19.33 16.48
CA MET B 128 -0.55 -18.40 17.62
C MET B 128 -1.45 -18.95 18.73
N ASP B 129 -2.62 -19.43 18.34
CA ASP B 129 -3.59 -19.97 19.29
C ASP B 129 -2.95 -21.10 20.08
N LYS B 130 -2.31 -22.03 19.35
CA LYS B 130 -1.64 -23.16 20.01
C LYS B 130 -0.50 -22.67 20.92
N GLY B 131 0.27 -21.68 20.46
CA GLY B 131 1.28 -21.06 21.32
C GLY B 131 0.72 -20.48 22.62
N ALA B 132 -0.31 -19.66 22.51
CA ALA B 132 -0.92 -19.06 23.70
C ALA B 132 -1.42 -20.14 24.66
N ARG B 133 -2.05 -21.17 24.12
CA ARG B 133 -2.64 -22.20 24.97
C ARG B 133 -1.57 -22.97 25.73
N GLY B 134 -0.42 -23.15 25.11
CA GLY B 134 0.71 -23.80 25.76
C GLY B 134 1.23 -22.98 26.93
N VAL B 135 1.23 -21.65 26.78
CA VAL B 135 1.66 -20.80 27.89
C VAL B 135 0.68 -20.96 29.05
N ILE B 136 -0.61 -20.90 28.71
CA ILE B 136 -1.63 -20.99 29.73
C ILE B 136 -1.54 -22.34 30.44
N ALA B 137 -1.31 -23.43 29.68
CA ALA B 137 -1.17 -24.77 30.27
C ALA B 137 -0.01 -24.81 31.27
N LEU B 138 1.08 -24.15 30.96
CA LEU B 138 2.22 -24.12 31.88
C LEU B 138 1.85 -23.38 33.16
N LEU B 139 1.18 -22.23 33.02
CA LEU B 139 0.76 -21.45 34.19
C LEU B 139 -0.19 -22.28 35.04
N SER B 140 -1.04 -23.05 34.37
CA SER B 140 -2.05 -23.86 35.07
C SER B 140 -1.39 -24.99 35.85
N GLN B 141 -0.37 -25.59 35.26
CA GLN B 141 0.35 -26.66 35.94
C GLN B 141 1.05 -26.09 37.17
N ALA B 142 1.59 -24.89 37.06
CA ALA B 142 2.27 -24.26 38.18
C ALA B 142 1.31 -23.91 39.32
N LEU B 143 0.12 -23.41 38.95
CA LEU B 143 -0.90 -23.09 39.95
C LEU B 143 -1.32 -24.34 40.75
N GLU B 144 -1.61 -25.41 40.04
CA GLU B 144 -2.06 -26.64 40.69
C GLU B 144 -0.94 -27.21 41.59
N ASN B 145 0.30 -27.18 41.10
CA ASN B 145 1.43 -27.64 41.91
C ASN B 145 1.58 -26.85 43.21
N GLY B 146 1.50 -25.53 43.11
CA GLY B 146 1.57 -24.67 44.28
C GLY B 146 0.40 -24.89 45.24
N ARG B 147 -0.77 -25.14 44.68
CA ARG B 147 -1.95 -25.37 45.52
C ARG B 147 -1.71 -26.65 46.30
N GLU B 148 -1.18 -27.66 45.62
CA GLU B 148 -0.99 -28.97 46.21
C GLU B 148 0.11 -29.00 47.26
N ASN B 149 1.24 -28.33 47.00
CA ASN B 149 2.31 -28.35 48.01
C ASN B 149 2.16 -27.21 49.03
N HIS B 150 1.03 -26.50 48.95
CA HIS B 150 0.66 -25.46 49.89
C HIS B 150 1.56 -24.22 49.83
N SER B 151 2.12 -23.94 48.66
CA SER B 151 2.91 -22.72 48.50
C SER B 151 2.05 -21.51 48.06
N LEU B 152 0.80 -21.77 47.69
CA LEU B 152 -0.12 -20.71 47.31
C LEU B 152 -1.57 -21.18 47.43
N THR B 153 -2.49 -20.25 47.55
CA THR B 153 -3.90 -20.55 47.35
C THR B 153 -4.48 -19.60 46.31
N PHE B 154 -5.62 -19.99 45.74
CA PHE B 154 -6.34 -19.14 44.83
C PHE B 154 -7.74 -19.69 44.67
N SER B 155 -8.65 -18.86 44.20
CA SER B 155 -10.05 -19.21 44.04
C SER B 155 -10.31 -19.98 42.74
N GLY B 156 -10.98 -21.13 42.81
CA GLY B 156 -11.47 -21.83 41.62
C GLY B 156 -10.51 -22.83 41.00
N GLU B 157 -10.78 -23.23 39.75
CA GLU B 157 -9.96 -24.24 39.08
C GLU B 157 -8.73 -23.63 38.38
N PRO B 158 -7.69 -24.44 38.14
CA PRO B 158 -6.43 -23.83 37.70
C PRO B 158 -6.44 -23.27 36.27
N LEU B 159 -7.13 -23.93 35.33
CA LEU B 159 -7.13 -23.47 33.94
C LEU B 159 -7.74 -22.06 33.83
N GLN B 160 -8.91 -21.88 34.44
CA GLN B 160 -9.61 -20.59 34.44
C GLN B 160 -8.72 -19.51 35.00
N GLN B 161 -8.01 -19.86 36.08
CA GLN B 161 -7.17 -18.87 36.74
C GLN B 161 -5.95 -18.56 35.88
N ALA B 162 -5.37 -19.60 35.30
CA ALA B 162 -4.25 -19.41 34.36
C ALA B 162 -4.65 -18.48 33.22
N GLN B 163 -5.87 -18.68 32.73
CA GLN B 163 -6.34 -17.87 31.59
C GLN B 163 -6.38 -16.39 31.94
N VAL B 164 -6.91 -16.08 33.13
CA VAL B 164 -6.84 -14.73 33.69
C VAL B 164 -5.43 -14.21 33.82
N LEU B 165 -4.52 -15.01 34.39
CA LEU B 165 -3.15 -14.55 34.56
C LEU B 165 -2.53 -14.21 33.19
N TYR B 166 -2.85 -15.01 32.19
CA TYR B 166 -2.31 -14.77 30.87
C TYR B 166 -2.93 -13.51 30.27
N ALA B 167 -4.24 -13.36 30.41
CA ALA B 167 -4.93 -12.19 29.85
C ALA B 167 -4.35 -10.95 30.46
N LEU B 168 -4.15 -10.99 31.77
CA LEU B 168 -3.56 -9.88 32.49
C LEU B 168 -2.15 -9.55 32.01
N TRP B 169 -1.33 -10.58 31.81
CA TRP B 169 0.03 -10.37 31.32
C TRP B 169 0.00 -9.72 29.92
N LEU B 170 -0.91 -10.18 29.06
CA LEU B 170 -1.00 -9.67 27.69
C LEU B 170 -1.46 -8.22 27.68
N GLY B 171 -2.52 -7.94 28.43
CA GLY B 171 -3.08 -6.61 28.41
C GLY B 171 -2.12 -5.63 29.05
N ALA B 172 -1.39 -6.07 30.09
CA ALA B 172 -0.44 -5.15 30.72
C ALA B 172 0.77 -4.83 29.82
N ASN B 173 1.25 -5.82 29.08
CA ASN B 173 2.33 -5.54 28.13
C ASN B 173 1.86 -4.57 27.04
N LEU B 174 0.62 -4.74 26.59
CA LEU B 174 0.04 -3.88 25.56
C LEU B 174 -0.02 -2.44 26.06
N GLN B 175 -0.55 -2.27 27.26
CA GLN B 175 -0.66 -0.98 27.90
C GLN B 175 0.71 -0.34 28.15
N ALA B 176 1.68 -1.16 28.58
CA ALA B 176 3.03 -0.68 28.83
C ALA B 176 3.64 -0.16 27.53
N LYS B 177 3.36 -0.87 26.44
CA LYS B 177 3.89 -0.48 25.15
C LYS B 177 3.31 0.87 24.72
N ILE B 178 2.01 1.07 24.89
CA ILE B 178 1.39 2.32 24.46
C ILE B 178 1.94 3.46 25.31
N SER B 179 1.99 3.24 26.62
CA SER B 179 2.28 4.32 27.55
C SER B 179 3.78 4.47 27.80
N ARG B 180 4.57 3.56 27.24
CA ARG B 180 6.02 3.56 27.47
C ARG B 180 6.32 3.53 28.96
N SER B 181 5.62 2.67 29.70
CA SER B 181 5.70 2.66 31.17
C SER B 181 5.68 1.24 31.67
N PHE B 182 6.45 0.97 32.73
CA PHE B 182 6.46 -0.37 33.33
C PHE B 182 5.34 -0.48 34.36
N GLU B 183 4.67 0.64 34.63
CA GLU B 183 3.63 0.70 35.65
C GLU B 183 2.44 -0.26 35.47
N PRO B 184 1.94 -0.46 34.23
CA PRO B 184 0.83 -1.41 34.15
C PRO B 184 1.25 -2.84 34.52
N LEU B 185 2.51 -3.16 34.31
CA LEU B 185 3.06 -4.46 34.69
C LEU B 185 3.23 -4.60 36.20
N GLU B 186 3.79 -3.57 36.86
CA GLU B 186 3.98 -3.58 38.31
C GLU B 186 2.62 -3.67 38.97
N ASN B 187 1.67 -2.91 38.42
CA ASN B 187 0.34 -2.90 38.95
C ASN B 187 -0.31 -4.27 38.76
N ALA B 188 -0.09 -4.90 37.60
CA ALA B 188 -0.61 -6.24 37.37
C ALA B 188 -0.02 -7.19 38.42
N LEU B 189 1.29 -7.12 38.57
CA LEU B 189 2.02 -7.98 39.51
C LEU B 189 1.45 -7.81 40.91
N ALA B 190 1.27 -6.55 41.32
CA ALA B 190 0.69 -6.26 42.62
C ALA B 190 -0.67 -6.95 42.78
N HIS B 191 -1.45 -7.01 41.70
CA HIS B 191 -2.78 -7.64 41.79
C HIS B 191 -2.62 -9.17 41.94
N VAL B 192 -1.67 -9.73 41.19
CA VAL B 192 -1.43 -11.17 41.21
C VAL B 192 -1.00 -11.65 42.61
N LYS B 193 -0.26 -10.80 43.30
CA LYS B 193 0.23 -11.11 44.64
C LYS B 193 -0.94 -11.32 45.60
N ASN B 194 -2.04 -10.60 45.37
CA ASN B 194 -3.25 -10.72 46.16
C ASN B 194 -4.09 -11.91 45.74
N ILE B 195 -4.23 -12.08 44.43
CA ILE B 195 -5.05 -13.13 43.84
C ILE B 195 -4.42 -14.50 44.07
N ILE B 196 -3.11 -14.57 43.96
CA ILE B 196 -2.42 -15.82 44.20
C ILE B 196 -1.76 -15.64 45.55
N ALA B 197 -2.49 -16.01 46.61
CA ALA B 197 -2.12 -15.67 48.00
C ALA B 197 -1.11 -16.62 48.64
N THR B 198 -0.36 -16.09 49.60
CA THR B 198 0.50 -16.92 50.43
C THR B 198 -0.42 -17.66 51.38
N PRO B 199 -0.14 -18.94 51.62
CA PRO B 199 -1.00 -19.67 52.56
C PRO B 199 -0.94 -18.98 53.92
N ALA B 200 -2.08 -18.68 54.51
CA ALA B 200 -2.13 -18.14 55.86
C ALA B 200 -1.90 -19.26 56.86
N VAL B 201 -0.67 -19.79 56.87
CA VAL B 201 -0.26 -20.83 57.80
C VAL B 201 1.20 -21.16 57.56
N ASP C 10 -11.80 -20.58 -12.26
CA ASP C 10 -12.81 -20.12 -11.31
C ASP C 10 -12.17 -19.23 -10.24
N THR C 11 -11.92 -19.80 -9.06
CA THR C 11 -11.29 -19.05 -7.98
C THR C 11 -9.91 -18.51 -8.39
N ARG C 12 -9.13 -19.32 -9.10
CA ARG C 12 -7.85 -18.85 -9.60
C ARG C 12 -8.05 -17.70 -10.59
N GLU C 13 -9.02 -17.85 -11.50
CA GLU C 13 -9.29 -16.79 -12.45
C GLU C 13 -9.84 -15.55 -11.72
N HIS C 14 -10.72 -15.77 -10.75
CA HIS C 14 -11.29 -14.67 -9.98
C HIS C 14 -10.20 -13.80 -9.37
N LEU C 15 -9.24 -14.41 -8.68
CA LEU C 15 -8.10 -13.68 -8.13
C LEU C 15 -7.36 -12.86 -9.17
N LEU C 16 -7.06 -13.49 -10.30
CA LEU C 16 -6.30 -12.83 -11.36
C LEU C 16 -7.04 -11.59 -11.87
N ALA C 17 -8.35 -11.75 -12.06
CA ALA C 17 -9.19 -10.66 -12.55
C ALA C 17 -9.26 -9.48 -11.58
N THR C 18 -9.46 -9.75 -10.29
CA THR C 18 -9.50 -8.61 -9.37
C THR C 18 -8.11 -8.00 -9.15
N GLY C 19 -7.07 -8.77 -9.43
CA GLY C 19 -5.72 -8.25 -9.32
C GLY C 19 -5.45 -7.29 -10.46
N GLU C 20 -5.96 -7.62 -11.63
CA GLU C 20 -5.81 -6.77 -12.79
C GLU C 20 -6.62 -5.49 -12.58
N GLN C 21 -7.88 -5.62 -12.17
CA GLN C 21 -8.70 -4.46 -11.84
C GLN C 21 -7.96 -3.51 -10.90
N LEU C 22 -7.57 -4.03 -9.74
CA LEU C 22 -6.89 -3.24 -8.72
C LEU C 22 -5.59 -2.63 -9.22
N SER C 23 -4.85 -3.40 -10.02
CA SER C 23 -3.57 -2.93 -10.53
C SER C 23 -3.83 -1.75 -11.45
N LEU C 24 -4.83 -1.90 -12.32
CA LEU C 24 -5.27 -0.85 -13.22
C LEU C 24 -5.49 0.47 -12.49
N GLN C 25 -6.09 0.38 -11.31
CA GLN C 25 -6.39 1.56 -10.51
C GLN C 25 -5.14 2.15 -9.85
N ARG C 26 -4.64 1.46 -8.81
CA ARG C 26 -3.54 1.99 -8.01
C ARG C 26 -2.15 1.40 -8.31
N GLY C 27 -2.02 0.63 -9.37
CA GLY C 27 -0.73 0.05 -9.72
C GLY C 27 -0.47 -1.26 -9.00
N PHE C 28 0.49 -2.06 -9.48
CA PHE C 28 0.77 -3.36 -8.87
C PHE C 28 1.53 -3.26 -7.54
N THR C 29 2.60 -2.48 -7.54
CA THR C 29 3.45 -2.30 -6.37
C THR C 29 2.67 -1.85 -5.11
N GLY C 30 1.68 -0.99 -5.31
CA GLY C 30 0.90 -0.48 -4.18
C GLY C 30 -0.22 -1.41 -3.74
N MET C 31 -0.58 -2.38 -4.58
CA MET C 31 -1.67 -3.30 -4.27
C MET C 31 -1.28 -4.34 -3.23
N GLY C 32 -1.66 -4.09 -1.98
CA GLY C 32 -1.37 -5.02 -0.90
C GLY C 32 -2.17 -6.32 -1.04
N LEU C 33 -1.55 -7.43 -0.59
CA LEU C 33 -2.19 -8.73 -0.63
C LEU C 33 -3.58 -8.70 0.02
N SER C 34 -3.66 -8.11 1.22
CA SER C 34 -4.93 -8.07 1.92
C SER C 34 -6.01 -7.27 1.16
N GLU C 35 -5.61 -6.17 0.53
CA GLU C 35 -6.54 -5.42 -0.32
C GLU C 35 -7.11 -6.34 -1.40
N LEU C 36 -6.24 -7.13 -2.00
CA LEU C 36 -6.61 -8.08 -3.05
C LEU C 36 -7.61 -9.08 -2.50
N LEU C 37 -7.27 -9.69 -1.37
CA LEU C 37 -8.05 -10.81 -0.85
C LEU C 37 -9.42 -10.36 -0.40
N LYS C 38 -9.51 -9.16 0.14
CA LYS C 38 -10.80 -8.66 0.62
C LYS C 38 -11.71 -8.38 -0.56
N THR C 39 -11.16 -7.72 -1.57
CA THR C 39 -11.91 -7.41 -2.78
C THR C 39 -12.35 -8.69 -3.49
N ALA C 40 -11.42 -9.62 -3.63
CA ALA C 40 -11.71 -10.90 -4.28
C ALA C 40 -12.58 -11.79 -3.40
N GLU C 41 -12.61 -11.49 -2.11
CA GLU C 41 -13.35 -12.27 -1.12
C GLU C 41 -12.85 -13.72 -1.03
N VAL C 42 -11.52 -13.87 -1.00
CA VAL C 42 -10.88 -15.17 -1.03
C VAL C 42 -9.90 -15.28 0.14
N PRO C 43 -9.94 -16.40 0.89
CA PRO C 43 -9.08 -16.51 2.07
C PRO C 43 -7.60 -16.64 1.71
N LYS C 44 -6.73 -16.14 2.59
CA LYS C 44 -5.31 -16.07 2.30
C LYS C 44 -4.71 -17.44 2.00
N GLY C 45 -5.18 -18.46 2.71
CA GLY C 45 -4.74 -19.82 2.47
C GLY C 45 -4.84 -20.26 1.01
N SER C 46 -5.99 -20.00 0.37
CA SER C 46 -6.21 -20.50 -0.98
C SER C 46 -5.40 -19.74 -2.03
N PHE C 47 -5.17 -18.45 -1.80
CA PHE C 47 -4.27 -17.67 -2.64
C PHE C 47 -2.94 -18.40 -2.75
N TYR C 48 -2.42 -18.82 -1.60
CA TYR C 48 -1.13 -19.50 -1.56
C TYR C 48 -1.16 -20.88 -2.19
N HIS C 49 -2.35 -21.46 -2.27
CA HIS C 49 -2.52 -22.71 -2.99
C HIS C 49 -2.24 -22.49 -4.49
N TYR C 50 -2.59 -21.31 -4.99
CA TYR C 50 -2.44 -21.05 -6.41
C TYR C 50 -1.15 -20.30 -6.74
N PHE C 51 -0.68 -19.45 -5.83
CA PHE C 51 0.49 -18.64 -6.10
C PHE C 51 1.38 -18.62 -4.88
N ARG C 52 2.67 -18.88 -5.07
CA ARG C 52 3.55 -18.99 -3.92
C ARG C 52 3.96 -17.62 -3.38
N SER C 53 3.60 -16.57 -4.11
CA SER C 53 4.02 -15.22 -3.72
C SER C 53 3.23 -14.18 -4.49
N LYS C 54 3.25 -12.94 -4.00
CA LYS C 54 2.63 -11.86 -4.74
C LYS C 54 3.30 -11.74 -6.11
N GLU C 55 4.62 -11.88 -6.13
CA GLU C 55 5.38 -11.73 -7.38
C GLU C 55 4.90 -12.74 -8.41
N ALA C 56 4.75 -14.00 -7.98
CA ALA C 56 4.32 -15.06 -8.90
C ALA C 56 2.91 -14.74 -9.38
N PHE C 57 2.10 -14.22 -8.46
CA PHE C 57 0.78 -13.76 -8.81
C PHE C 57 0.82 -12.68 -9.92
N GLY C 58 1.67 -11.67 -9.74
CA GLY C 58 1.83 -10.63 -10.75
C GLY C 58 2.23 -11.15 -12.13
N VAL C 59 3.17 -12.09 -12.16
CA VAL C 59 3.56 -12.73 -13.40
C VAL C 59 2.36 -13.38 -14.09
N ALA C 60 1.62 -14.18 -13.33
CA ALA C 60 0.44 -14.87 -13.87
C ALA C 60 -0.62 -13.88 -14.34
N MET C 61 -0.74 -12.77 -13.60
CA MET C 61 -1.71 -11.75 -13.94
C MET C 61 -1.42 -11.12 -15.29
N LEU C 62 -0.14 -10.77 -15.50
CA LEU C 62 0.29 -10.15 -16.75
C LEU C 62 0.12 -11.11 -17.91
N GLU C 63 0.58 -12.33 -17.71
CA GLU C 63 0.46 -13.36 -18.74
C GLU C 63 -0.99 -13.56 -19.16
N ARG C 64 -1.90 -13.69 -18.20
CA ARG C 64 -3.31 -13.80 -18.53
C ARG C 64 -3.77 -12.57 -19.29
N HIS C 65 -3.36 -11.41 -18.80
CA HIS C 65 -3.78 -10.17 -19.43
C HIS C 65 -3.34 -10.12 -20.90
N TYR C 66 -2.09 -10.50 -21.15
CA TYR C 66 -1.51 -10.36 -22.47
C TYR C 66 -1.98 -11.47 -23.43
N ALA C 67 -2.25 -12.66 -22.91
CA ALA C 67 -2.71 -13.75 -23.79
C ALA C 67 -4.10 -13.39 -24.31
N ALA C 68 -4.92 -12.83 -23.44
CA ALA C 68 -6.29 -12.46 -23.79
C ALA C 68 -6.30 -11.31 -24.80
N TYR C 69 -5.45 -10.32 -24.57
CA TYR C 69 -5.35 -9.23 -25.52
C TYR C 69 -4.77 -9.74 -26.84
N HIS C 70 -3.82 -10.67 -26.75
CA HIS C 70 -3.23 -11.26 -27.95
C HIS C 70 -4.30 -12.01 -28.78
N GLN C 71 -5.20 -12.70 -28.10
CA GLN C 71 -6.24 -13.46 -28.77
C GLN C 71 -7.28 -12.54 -29.40
N ARG C 72 -7.63 -11.45 -28.73
CA ARG C 72 -8.56 -10.49 -29.32
C ARG C 72 -7.96 -9.79 -30.54
N LEU C 73 -6.67 -9.45 -30.47
CA LEU C 73 -5.99 -8.81 -31.60
C LEU C 73 -5.91 -9.79 -32.77
N THR C 74 -5.60 -11.05 -32.45
CA THR C 74 -5.51 -12.09 -33.49
C THR C 74 -6.81 -12.20 -34.25
N GLU C 75 -7.93 -12.29 -33.52
CA GLU C 75 -9.25 -12.36 -34.14
C GLU C 75 -9.59 -11.12 -34.98
N LEU C 76 -9.20 -9.93 -34.52
CA LEU C 76 -9.50 -8.71 -35.28
C LEU C 76 -8.74 -8.66 -36.60
N LEU C 77 -7.45 -8.99 -36.56
CA LEU C 77 -6.57 -8.84 -37.71
C LEU C 77 -6.59 -10.03 -38.67
N GLN C 78 -7.16 -11.15 -38.25
CA GLN C 78 -7.15 -12.37 -39.08
C GLN C 78 -8.56 -12.85 -39.40
N SER C 79 -9.53 -12.45 -38.59
CA SER C 79 -10.91 -12.82 -38.81
C SER C 79 -11.82 -11.66 -38.44
N GLY C 80 -11.60 -10.53 -39.11
CA GLY C 80 -12.38 -9.33 -38.90
C GLY C 80 -13.07 -8.93 -40.19
N GLU C 81 -13.39 -7.64 -40.31
CA GLU C 81 -14.13 -7.15 -41.46
C GLU C 81 -13.23 -6.70 -42.61
N GLY C 82 -13.34 -7.38 -43.74
CA GLY C 82 -12.70 -6.95 -44.98
C GLY C 82 -11.25 -7.37 -45.17
N ASN C 83 -10.51 -6.53 -45.90
CA ASN C 83 -9.10 -6.78 -46.14
C ASN C 83 -8.23 -6.39 -44.94
N TYR C 84 -6.93 -6.63 -45.04
CA TYR C 84 -6.03 -6.36 -43.94
C TYR C 84 -5.93 -4.88 -43.58
N ARG C 85 -6.15 -4.01 -44.55
CA ARG C 85 -6.07 -2.57 -44.30
C ARG C 85 -7.22 -2.13 -43.40
N ASP C 86 -8.43 -2.58 -43.71
CA ASP C 86 -9.57 -2.31 -42.86
C ASP C 86 -9.34 -2.81 -41.41
N ARG C 87 -8.66 -3.94 -41.24
CA ARG C 87 -8.47 -4.54 -39.92
C ARG C 87 -7.44 -3.74 -39.10
N ILE C 88 -6.39 -3.29 -39.77
CA ILE C 88 -5.42 -2.42 -39.14
C ILE C 88 -6.08 -1.13 -38.67
N LEU C 89 -6.92 -0.53 -39.52
CA LEU C 89 -7.62 0.69 -39.15
C LEU C 89 -8.57 0.45 -37.97
N ALA C 90 -9.29 -0.66 -38.03
CA ALA C 90 -10.15 -1.09 -36.94
C ALA C 90 -9.43 -1.15 -35.57
N TYR C 91 -8.14 -1.48 -35.58
CA TYR C 91 -7.31 -1.52 -34.36
C TYR C 91 -7.21 -0.14 -33.71
N TYR C 92 -7.17 0.92 -34.51
CA TYR C 92 -7.22 2.27 -33.95
C TYR C 92 -8.67 2.68 -33.67
N GLN C 93 -9.54 2.37 -34.63
CA GLN C 93 -10.95 2.75 -34.52
C GLN C 93 -11.61 2.16 -33.28
N GLN C 94 -11.25 0.93 -32.95
CA GLN C 94 -11.80 0.25 -31.77
C GLN C 94 -11.34 0.97 -30.50
N THR C 95 -10.06 1.31 -30.47
CA THR C 95 -9.47 2.05 -29.35
C THR C 95 -10.24 3.32 -29.08
N LEU C 96 -10.65 4.00 -30.14
CA LEU C 96 -11.56 5.14 -30.04
C LEU C 96 -12.90 4.70 -29.47
N ASN C 97 -13.64 3.93 -30.26
CA ASN C 97 -14.98 3.45 -29.93
C ASN C 97 -15.19 3.08 -28.47
N GLN C 98 -14.14 2.58 -27.83
CA GLN C 98 -14.18 2.29 -26.40
C GLN C 98 -14.52 3.54 -25.59
N PHE C 99 -13.88 4.65 -25.95
CA PHE C 99 -13.89 5.84 -25.12
C PHE C 99 -15.28 6.35 -24.67
N SER C 100 -16.23 6.46 -25.59
CA SER C 100 -17.60 6.81 -25.19
C SER C 100 -18.23 5.66 -24.41
N GLY C 103 -14.34 6.70 -19.83
CA GLY C 103 -13.28 7.23 -20.70
C GLY C 103 -11.90 6.80 -20.25
N THR C 104 -11.72 5.49 -20.14
CA THR C 104 -10.42 4.92 -19.76
C THR C 104 -9.72 4.37 -21.00
N ILE C 105 -8.43 4.66 -21.12
CA ILE C 105 -7.68 4.28 -22.32
C ILE C 105 -7.42 2.79 -22.42
N SER C 106 -7.13 2.35 -23.65
CA SER C 106 -6.66 1.00 -23.92
C SER C 106 -5.16 0.94 -23.64
N GLY C 107 -4.65 -0.26 -23.33
CA GLY C 107 -3.27 -0.41 -22.91
C GLY C 107 -3.09 0.31 -21.59
N CYS C 108 -4.20 0.44 -20.85
CA CYS C 108 -4.18 1.18 -19.61
C CYS C 108 -3.25 0.52 -18.59
N LEU C 109 -3.13 -0.80 -18.69
CA LEU C 109 -2.31 -1.57 -17.73
C LEU C 109 -0.81 -1.39 -17.98
N THR C 110 -0.41 -1.54 -19.23
CA THR C 110 0.98 -1.31 -19.63
C THR C 110 1.47 0.08 -19.19
N VAL C 111 0.61 1.06 -19.37
CA VAL C 111 0.91 2.43 -19.01
C VAL C 111 1.06 2.57 -17.51
N LYS C 112 0.11 2.00 -16.77
CA LYS C 112 0.11 2.12 -15.32
C LYS C 112 1.37 1.48 -14.74
N LEU C 113 1.76 0.34 -15.30
CA LEU C 113 2.93 -0.40 -14.81
C LEU C 113 4.23 0.24 -15.31
N SER C 114 4.16 1.00 -16.40
CA SER C 114 5.36 1.63 -16.92
C SER C 114 5.99 2.56 -15.86
N ALA C 115 5.17 3.11 -14.96
CA ALA C 115 5.65 4.06 -13.97
C ALA C 115 6.37 3.39 -12.79
N GLU C 116 6.33 2.07 -12.74
CA GLU C 116 6.92 1.37 -11.62
C GLU C 116 7.88 0.27 -12.07
N VAL C 117 8.26 0.28 -13.35
CA VAL C 117 9.02 -0.84 -13.93
C VAL C 117 10.32 -1.14 -13.18
N SER C 118 10.98 -0.11 -12.66
CA SER C 118 12.24 -0.29 -11.96
C SER C 118 12.03 -1.06 -10.67
N ASP C 119 10.88 -0.86 -10.04
CA ASP C 119 10.53 -1.59 -8.81
C ASP C 119 9.87 -2.93 -9.09
N LEU C 120 9.59 -3.20 -10.36
CA LEU C 120 9.01 -4.48 -10.74
C LEU C 120 10.09 -5.55 -10.83
N SER C 121 9.69 -6.76 -10.51
CA SER C 121 10.58 -7.90 -10.63
C SER C 121 10.96 -8.10 -12.08
N GLU C 122 12.06 -8.81 -12.29
CA GLU C 122 12.54 -9.10 -13.65
C GLU C 122 11.52 -9.92 -14.42
N ASP C 123 10.94 -10.93 -13.77
CA ASP C 123 9.93 -11.76 -14.42
C ASP C 123 8.73 -10.93 -14.90
N MET C 124 8.31 -9.94 -14.12
CA MET C 124 7.16 -9.16 -14.54
C MET C 124 7.52 -8.19 -15.64
N ARG C 125 8.74 -7.67 -15.59
CA ARG C 125 9.18 -6.75 -16.62
C ARG C 125 9.31 -7.51 -17.94
N SER C 126 9.78 -8.75 -17.83
CA SER C 126 9.92 -9.63 -18.98
C SER C 126 8.53 -9.92 -19.54
N ALA C 127 7.57 -10.20 -18.68
CA ALA C 127 6.21 -10.46 -19.13
C ALA C 127 5.58 -9.23 -19.81
N MET C 128 5.93 -8.03 -19.36
CA MET C 128 5.43 -6.85 -20.06
C MET C 128 6.09 -6.71 -21.46
N ASP C 129 7.38 -7.01 -21.55
CA ASP C 129 8.10 -6.92 -22.82
C ASP C 129 7.51 -7.88 -23.86
N LYS C 130 7.32 -9.14 -23.46
CA LYS C 130 6.77 -10.15 -24.36
C LYS C 130 5.37 -9.78 -24.81
N GLY C 131 4.56 -9.26 -23.91
CA GLY C 131 3.22 -8.83 -24.28
C GLY C 131 3.29 -7.80 -25.40
N ALA C 132 4.13 -6.78 -25.20
CA ALA C 132 4.25 -5.72 -26.20
C ALA C 132 4.79 -6.27 -27.53
N ARG C 133 5.83 -7.10 -27.46
CA ARG C 133 6.40 -7.70 -28.66
C ARG C 133 5.40 -8.58 -29.40
N GLY C 134 4.55 -9.29 -28.66
CA GLY C 134 3.55 -10.13 -29.28
C GLY C 134 2.56 -9.28 -30.09
N VAL C 135 2.18 -8.13 -29.52
CA VAL C 135 1.24 -7.24 -30.20
C VAL C 135 1.86 -6.74 -31.51
N ILE C 136 3.10 -6.31 -31.41
CA ILE C 136 3.85 -5.83 -32.56
C ILE C 136 3.95 -6.90 -33.66
N ALA C 137 4.23 -8.14 -33.25
CA ALA C 137 4.36 -9.24 -34.21
C ALA C 137 3.03 -9.45 -34.97
N LEU C 138 1.91 -9.28 -34.29
CA LEU C 138 0.60 -9.41 -34.93
C LEU C 138 0.35 -8.29 -35.95
N LEU C 139 0.57 -7.05 -35.54
CA LEU C 139 0.50 -5.94 -36.47
C LEU C 139 1.39 -6.17 -37.70
N SER C 140 2.61 -6.64 -37.47
CA SER C 140 3.57 -6.85 -38.57
C SER C 140 3.08 -7.90 -39.55
N GLN C 141 2.50 -8.98 -39.00
CA GLN C 141 1.99 -10.06 -39.86
C GLN C 141 0.84 -9.53 -40.68
N ALA C 142 0.04 -8.63 -40.10
CA ALA C 142 -1.10 -8.06 -40.79
C ALA C 142 -0.61 -7.17 -41.94
N LEU C 143 0.45 -6.41 -41.67
CA LEU C 143 1.07 -5.53 -42.65
C LEU C 143 1.67 -6.29 -43.82
N GLU C 144 2.38 -7.38 -43.53
CA GLU C 144 3.01 -8.13 -44.61
C GLU C 144 1.94 -8.88 -45.41
N ASN C 145 0.84 -9.25 -44.75
CA ASN C 145 -0.26 -9.89 -45.47
C ASN C 145 -0.92 -8.93 -46.45
N GLY C 146 -1.33 -7.76 -45.95
CA GLY C 146 -1.98 -6.77 -46.79
C GLY C 146 -1.08 -6.32 -47.93
N ARG C 147 0.22 -6.33 -47.69
CA ARG C 147 1.19 -6.03 -48.71
C ARG C 147 1.15 -7.10 -49.80
N GLU C 148 1.11 -8.36 -49.39
CA GLU C 148 1.13 -9.49 -50.32
C GLU C 148 -0.12 -9.67 -51.18
N ASN C 149 -1.30 -9.33 -50.64
CA ASN C 149 -2.53 -9.41 -51.43
C ASN C 149 -3.00 -8.03 -51.89
N HIS C 150 -2.09 -7.06 -51.79
CA HIS C 150 -2.30 -5.70 -52.27
C HIS C 150 -3.53 -5.01 -51.66
N SER C 151 -3.78 -5.30 -50.38
CA SER C 151 -4.74 -4.54 -49.58
C SER C 151 -4.18 -3.16 -49.27
N LEU C 152 -2.85 -3.09 -49.22
CA LEU C 152 -2.17 -1.89 -48.72
C LEU C 152 -0.71 -1.84 -49.14
N THR C 153 -0.14 -0.63 -49.04
CA THR C 153 1.30 -0.43 -49.24
C THR C 153 1.84 0.54 -48.22
N PHE C 154 3.13 0.40 -47.91
CA PHE C 154 3.81 1.29 -46.98
C PHE C 154 5.30 1.21 -47.29
N SER C 155 6.10 2.10 -46.71
CA SER C 155 7.55 2.09 -46.91
C SER C 155 8.30 1.26 -45.86
N GLY C 156 9.30 0.50 -46.31
CA GLY C 156 10.15 -0.23 -45.39
C GLY C 156 9.74 -1.68 -45.11
N GLU C 157 10.29 -2.27 -44.05
CA GLU C 157 9.97 -3.66 -43.73
C GLU C 157 8.82 -3.67 -42.74
N PRO C 158 8.13 -4.82 -42.59
CA PRO C 158 6.90 -4.84 -41.79
C PRO C 158 7.15 -4.64 -40.29
N LEU C 159 8.17 -5.30 -39.72
CA LEU C 159 8.40 -5.21 -38.28
C LEU C 159 8.60 -3.77 -37.83
N GLN C 160 9.51 -3.08 -38.51
CA GLN C 160 9.80 -1.67 -38.30
C GLN C 160 8.55 -0.79 -38.33
N GLN C 161 7.69 -1.03 -39.32
CA GLN C 161 6.46 -0.27 -39.45
C GLN C 161 5.48 -0.65 -38.34
N ALA C 162 5.39 -1.94 -38.01
CA ALA C 162 4.54 -2.37 -36.88
C ALA C 162 5.00 -1.72 -35.57
N GLN C 163 6.30 -1.59 -35.40
CA GLN C 163 6.82 -0.94 -34.20
C GLN C 163 6.36 0.52 -34.14
N VAL C 164 6.34 1.20 -35.28
CA VAL C 164 5.87 2.58 -35.35
C VAL C 164 4.40 2.68 -34.98
N LEU C 165 3.60 1.80 -35.56
CA LEU C 165 2.18 1.73 -35.27
C LEU C 165 1.93 1.48 -33.78
N TYR C 166 2.75 0.60 -33.18
CA TYR C 166 2.56 0.29 -31.77
C TYR C 166 2.92 1.51 -30.92
N ALA C 167 4.07 2.13 -31.18
CA ALA C 167 4.47 3.30 -30.40
C ALA C 167 3.48 4.47 -30.55
N LEU C 168 2.92 4.62 -31.74
CA LEU C 168 1.95 5.70 -31.97
C LEU C 168 0.70 5.44 -31.16
N TRP C 169 0.22 4.22 -31.21
CA TRP C 169 -0.98 3.84 -30.48
C TRP C 169 -0.81 4.14 -28.98
N LEU C 170 0.37 3.82 -28.46
CA LEU C 170 0.68 3.95 -27.04
C LEU C 170 0.76 5.43 -26.67
N GLY C 171 1.51 6.20 -27.47
CA GLY C 171 1.65 7.62 -27.25
C GLY C 171 0.33 8.34 -27.40
N ALA C 172 -0.48 7.95 -28.38
CA ALA C 172 -1.77 8.64 -28.60
C ALA C 172 -2.73 8.35 -27.45
N ASN C 173 -2.76 7.09 -27.00
CA ASN C 173 -3.55 6.76 -25.81
C ASN C 173 -3.15 7.57 -24.59
N LEU C 174 -1.85 7.71 -24.36
CA LEU C 174 -1.37 8.50 -23.22
C LEU C 174 -1.80 9.94 -23.36
N GLN C 175 -1.60 10.49 -24.57
CA GLN C 175 -1.97 11.87 -24.83
C GLN C 175 -3.48 12.08 -24.68
N ALA C 176 -4.25 11.07 -25.08
CA ALA C 176 -5.71 11.15 -24.91
C ALA C 176 -6.09 11.18 -23.43
N LYS C 177 -5.33 10.44 -22.64
CA LYS C 177 -5.61 10.28 -21.22
C LYS C 177 -5.27 11.58 -20.53
N ILE C 178 -4.12 12.16 -20.88
CA ILE C 178 -3.72 13.42 -20.29
C ILE C 178 -4.65 14.57 -20.67
N SER C 179 -5.05 14.65 -21.95
CA SER C 179 -5.87 15.77 -22.42
C SER C 179 -7.36 15.56 -22.23
N ARG C 180 -7.76 14.36 -21.80
CA ARG C 180 -9.17 13.98 -21.79
C ARG C 180 -9.83 14.23 -23.15
N SER C 181 -9.23 13.71 -24.22
CA SER C 181 -9.74 14.00 -25.56
C SER C 181 -9.56 12.82 -26.51
N PHE C 182 -10.48 12.65 -27.46
CA PHE C 182 -10.35 11.61 -28.50
C PHE C 182 -9.38 12.07 -29.58
N GLU C 183 -9.11 13.36 -29.59
CA GLU C 183 -8.40 13.95 -30.71
C GLU C 183 -7.04 13.30 -31.02
N PRO C 184 -6.22 12.99 -29.99
CA PRO C 184 -4.95 12.33 -30.35
C PRO C 184 -5.16 11.00 -31.04
N LEU C 185 -6.24 10.29 -30.69
CA LEU C 185 -6.53 9.00 -31.33
C LEU C 185 -7.05 9.18 -32.76
N GLU C 186 -8.01 10.08 -32.94
CA GLU C 186 -8.54 10.35 -34.28
C GLU C 186 -7.41 10.80 -35.20
N ASN C 187 -6.58 11.69 -34.69
CA ASN C 187 -5.44 12.19 -35.43
C ASN C 187 -4.44 11.08 -35.81
N ALA C 188 -4.12 10.20 -34.86
CA ALA C 188 -3.23 9.08 -35.16
C ALA C 188 -3.85 8.21 -36.26
N LEU C 189 -5.15 7.98 -36.15
CA LEU C 189 -5.86 7.14 -37.11
C LEU C 189 -5.80 7.78 -38.50
N ALA C 190 -6.02 9.10 -38.57
CA ALA C 190 -5.91 9.81 -39.84
C ALA C 190 -4.50 9.66 -40.40
N HIS C 191 -3.49 9.76 -39.55
CA HIS C 191 -2.11 9.62 -40.01
C HIS C 191 -1.88 8.23 -40.60
N VAL C 192 -2.40 7.20 -39.92
CA VAL C 192 -2.18 5.81 -40.34
C VAL C 192 -2.84 5.53 -41.71
N LYS C 193 -3.92 6.25 -42.01
CA LYS C 193 -4.56 6.10 -43.30
C LYS C 193 -3.67 6.54 -44.46
N ASN C 194 -2.84 7.57 -44.26
CA ASN C 194 -1.84 7.97 -45.25
C ASN C 194 -0.72 6.96 -45.37
N ILE C 195 -0.15 6.61 -44.22
CA ILE C 195 1.05 5.78 -44.18
C ILE C 195 0.76 4.34 -44.61
N ILE C 196 -0.41 3.84 -44.25
CA ILE C 196 -0.79 2.50 -44.66
C ILE C 196 -1.84 2.66 -45.74
N ALA C 197 -1.39 2.87 -46.98
CA ALA C 197 -2.28 3.37 -48.02
C ALA C 197 -2.87 2.28 -48.91
N THR C 198 -4.06 2.55 -49.43
CA THR C 198 -4.66 1.69 -50.42
C THR C 198 -3.81 1.85 -51.69
N PRO C 199 -3.52 0.75 -52.38
CA PRO C 199 -2.73 0.78 -53.62
C PRO C 199 -3.39 1.51 -54.78
N ALA C 200 -2.63 1.61 -55.87
CA ALA C 200 -3.03 2.30 -57.10
C ALA C 200 -4.38 1.84 -57.67
N HIS D 9 -16.99 21.22 8.72
CA HIS D 9 -18.35 21.33 9.22
C HIS D 9 -18.87 19.96 9.66
N ASP D 10 -19.76 19.39 8.83
CA ASP D 10 -20.17 18.00 8.99
C ASP D 10 -19.36 17.18 8.00
N THR D 11 -18.52 17.88 7.23
CA THR D 11 -17.67 17.27 6.22
C THR D 11 -16.33 16.84 6.81
N ARG D 12 -15.70 17.72 7.59
CA ARG D 12 -14.49 17.38 8.32
C ARG D 12 -14.77 16.15 9.17
N GLU D 13 -15.95 16.14 9.78
CA GLU D 13 -16.40 14.99 10.57
C GLU D 13 -16.59 13.73 9.73
N HIS D 14 -16.91 13.89 8.45
CA HIS D 14 -17.05 12.72 7.56
C HIS D 14 -15.68 12.11 7.29
N LEU D 15 -14.68 12.95 7.13
CA LEU D 15 -13.31 12.49 6.87
C LEU D 15 -12.75 11.68 8.03
N LEU D 16 -12.99 12.18 9.25
CA LEU D 16 -12.51 11.54 10.47
C LEU D 16 -13.17 10.18 10.62
N ALA D 17 -14.47 10.14 10.39
CA ALA D 17 -15.21 8.90 10.43
C ALA D 17 -14.60 7.93 9.44
N THR D 18 -14.38 8.41 8.22
CA THR D 18 -13.82 7.57 7.17
C THR D 18 -12.43 7.06 7.57
N GLY D 19 -11.60 7.97 8.09
CA GLY D 19 -10.25 7.62 8.51
C GLY D 19 -10.21 6.58 9.62
N GLU D 20 -11.21 6.64 10.49
CA GLU D 20 -11.36 5.68 11.57
C GLU D 20 -11.63 4.29 11.00
N GLN D 21 -12.65 4.20 10.15
CA GLN D 21 -13.01 2.94 9.51
C GLN D 21 -11.79 2.27 8.86
N LEU D 22 -11.12 3.01 7.98
CA LEU D 22 -9.94 2.49 7.29
C LEU D 22 -8.81 2.07 8.23
N SER D 23 -8.73 2.71 9.40
CA SER D 23 -7.65 2.41 10.34
C SER D 23 -7.86 1.07 11.01
N LEU D 24 -9.13 0.71 11.22
CA LEU D 24 -9.46 -0.62 11.71
C LEU D 24 -8.98 -1.71 10.75
N GLN D 25 -8.90 -1.38 9.46
CA GLN D 25 -8.57 -2.37 8.44
C GLN D 25 -7.06 -2.59 8.27
N ARG D 26 -6.39 -1.60 7.69
CA ARG D 26 -4.97 -1.72 7.37
C ARG D 26 -4.12 -0.81 8.23
N GLY D 27 -4.71 -0.30 9.31
CA GLY D 27 -3.98 0.58 10.20
C GLY D 27 -3.83 1.99 9.67
N PHE D 28 -3.36 2.91 10.50
CA PHE D 28 -3.28 4.30 10.13
C PHE D 28 -2.12 4.54 9.16
N THR D 29 -1.00 3.89 9.44
CA THR D 29 0.20 4.04 8.62
C THR D 29 -0.03 3.63 7.17
N GLY D 30 -0.58 2.43 6.97
CA GLY D 30 -0.84 1.92 5.63
C GLY D 30 -2.07 2.50 4.97
N MET D 31 -2.40 3.73 5.33
CA MET D 31 -3.51 4.45 4.71
C MET D 31 -2.99 5.61 3.89
N GLY D 32 -3.45 5.72 2.64
CA GLY D 32 -3.08 6.85 1.81
C GLY D 32 -4.19 7.87 1.79
N LEU D 33 -3.82 9.13 1.60
CA LEU D 33 -4.79 10.22 1.49
C LEU D 33 -5.73 10.01 0.30
N SER D 34 -5.26 9.30 -0.72
CA SER D 34 -6.09 8.96 -1.88
C SER D 34 -7.27 8.09 -1.46
N GLU D 35 -6.95 6.95 -0.86
CA GLU D 35 -7.95 6.01 -0.34
C GLU D 35 -8.95 6.76 0.53
N LEU D 36 -8.43 7.65 1.36
CA LEU D 36 -9.24 8.38 2.32
C LEU D 36 -10.19 9.35 1.59
N LEU D 37 -9.65 10.11 0.65
CA LEU D 37 -10.44 11.08 -0.11
C LEU D 37 -11.46 10.36 -0.99
N LYS D 38 -11.15 9.15 -1.43
CA LYS D 38 -12.06 8.40 -2.31
C LYS D 38 -13.15 7.68 -1.54
N THR D 39 -12.79 7.13 -0.37
CA THR D 39 -13.72 6.38 0.46
C THR D 39 -14.74 7.33 1.10
N ALA D 40 -14.27 8.53 1.45
CA ALA D 40 -15.11 9.58 2.00
C ALA D 40 -16.03 10.19 0.93
N GLU D 41 -15.63 10.04 -0.34
CA GLU D 41 -16.31 10.67 -1.47
C GLU D 41 -16.29 12.20 -1.35
N VAL D 42 -15.09 12.72 -1.11
CA VAL D 42 -14.85 14.14 -0.87
C VAL D 42 -13.82 14.63 -1.89
N PRO D 43 -14.00 15.85 -2.42
CA PRO D 43 -13.12 16.35 -3.49
C PRO D 43 -11.66 16.50 -3.08
N LYS D 44 -10.75 16.37 -4.04
CA LYS D 44 -9.31 16.26 -3.77
C LYS D 44 -8.67 17.49 -3.12
N GLY D 45 -9.28 18.66 -3.29
CA GLY D 45 -8.71 19.86 -2.71
C GLY D 45 -9.30 20.25 -1.36
N SER D 46 -9.90 19.27 -0.66
CA SER D 46 -10.68 19.55 0.53
C SER D 46 -10.04 19.08 1.82
N PHE D 47 -9.24 18.01 1.75
CA PHE D 47 -8.56 17.49 2.93
C PHE D 47 -7.67 18.56 3.56
N TYR D 48 -6.71 19.04 2.79
CA TYR D 48 -5.76 20.05 3.26
C TYR D 48 -6.42 21.39 3.61
N HIS D 49 -7.73 21.46 3.46
CA HIS D 49 -8.48 22.59 4.01
C HIS D 49 -8.74 22.39 5.49
N TYR D 50 -9.08 21.17 5.88
CA TYR D 50 -9.46 20.87 7.26
C TYR D 50 -8.30 20.39 8.14
N PHE D 51 -7.23 19.93 7.52
CA PHE D 51 -6.13 19.32 8.27
C PHE D 51 -4.80 19.66 7.64
N ARG D 52 -3.86 20.13 8.45
CA ARG D 52 -2.56 20.59 7.95
C ARG D 52 -1.66 19.42 7.55
N SER D 53 -1.93 18.25 8.12
CA SER D 53 -1.09 17.08 7.91
C SER D 53 -1.83 15.77 8.23
N LYS D 54 -1.31 14.66 7.72
CA LYS D 54 -1.84 13.34 8.06
C LYS D 54 -1.76 13.09 9.57
N GLU D 55 -0.66 13.52 10.19
CA GLU D 55 -0.49 13.37 11.63
C GLU D 55 -1.59 14.10 12.38
N ALA D 56 -1.69 15.41 12.12
CA ALA D 56 -2.72 16.25 12.73
C ALA D 56 -4.12 15.66 12.52
N PHE D 57 -4.33 15.07 11.34
CA PHE D 57 -5.59 14.39 11.04
C PHE D 57 -5.80 13.20 12.00
N GLY D 58 -4.79 12.33 12.09
CA GLY D 58 -4.86 11.19 12.99
C GLY D 58 -5.15 11.58 14.44
N VAL D 59 -4.57 12.69 14.87
CA VAL D 59 -4.80 13.15 16.24
C VAL D 59 -6.28 13.49 16.42
N ALA D 60 -6.81 14.28 15.50
CA ALA D 60 -8.23 14.63 15.52
C ALA D 60 -9.11 13.37 15.49
N MET D 61 -8.72 12.42 14.66
CA MET D 61 -9.41 11.14 14.58
C MET D 61 -9.44 10.45 15.95
N LEU D 62 -8.26 10.24 16.54
CA LEU D 62 -8.16 9.58 17.84
C LEU D 62 -8.96 10.34 18.92
N GLU D 63 -8.78 11.66 18.96
CA GLU D 63 -9.51 12.47 19.93
C GLU D 63 -11.02 12.33 19.76
N ARG D 64 -11.52 12.38 18.52
CA ARG D 64 -12.94 12.18 18.27
C ARG D 64 -13.38 10.77 18.68
N HIS D 65 -12.58 9.77 18.33
CA HIS D 65 -12.88 8.38 18.68
C HIS D 65 -13.02 8.19 20.18
N TYR D 66 -12.02 8.65 20.94
CA TYR D 66 -11.99 8.45 22.38
C TYR D 66 -13.02 9.30 23.11
N ALA D 67 -13.36 10.46 22.53
CA ALA D 67 -14.39 11.32 23.09
C ALA D 67 -15.74 10.62 23.01
N ALA D 68 -15.98 9.98 21.88
CA ALA D 68 -17.21 9.21 21.69
C ALA D 68 -17.30 7.99 22.62
N TYR D 69 -16.18 7.29 22.79
CA TYR D 69 -16.15 6.13 23.65
C TYR D 69 -16.28 6.56 25.11
N HIS D 70 -15.65 7.68 25.45
CA HIS D 70 -15.74 8.24 26.79
C HIS D 70 -17.19 8.55 27.17
N GLN D 71 -17.93 9.22 26.29
CA GLN D 71 -19.31 9.59 26.60
C GLN D 71 -20.23 8.37 26.65
N ARG D 72 -19.91 7.35 25.87
CA ARG D 72 -20.70 6.11 25.88
C ARG D 72 -20.52 5.38 27.20
N LEU D 73 -19.29 5.42 27.71
CA LEU D 73 -18.94 4.74 28.96
C LEU D 73 -19.49 5.49 30.16
N THR D 74 -19.44 6.82 30.11
CA THR D 74 -19.96 7.67 31.18
C THR D 74 -21.44 7.41 31.41
N GLU D 75 -22.22 7.53 30.33
CA GLU D 75 -23.66 7.28 30.39
C GLU D 75 -23.95 5.88 30.90
N LEU D 76 -23.08 4.94 30.54
CA LEU D 76 -23.19 3.57 31.04
C LEU D 76 -22.93 3.49 32.54
N LEU D 77 -21.89 4.18 33.01
CA LEU D 77 -21.48 4.12 34.40
C LEU D 77 -22.14 5.17 35.29
N GLN D 78 -21.79 6.44 35.07
CA GLN D 78 -22.23 7.53 35.93
C GLN D 78 -23.76 7.69 35.98
N SER D 79 -24.45 7.24 34.94
CA SER D 79 -25.91 7.33 34.88
C SER D 79 -26.53 6.05 34.36
N ASN D 83 -27.73 0.04 40.36
CA ASN D 83 -26.59 -0.07 41.27
C ASN D 83 -25.27 -0.05 40.50
N TYR D 84 -24.19 0.36 41.16
CA TYR D 84 -22.91 0.59 40.49
C TYR D 84 -22.16 -0.68 40.12
N ARG D 85 -22.26 -1.70 40.98
CA ARG D 85 -21.71 -3.01 40.61
C ARG D 85 -22.40 -3.48 39.32
N ASP D 86 -23.74 -3.39 39.30
CA ASP D 86 -24.53 -3.74 38.11
C ASP D 86 -24.00 -3.12 36.82
N ARG D 87 -23.87 -1.79 36.83
CA ARG D 87 -23.46 -1.06 35.64
C ARG D 87 -22.03 -1.39 35.23
N ILE D 88 -21.16 -1.60 36.21
CA ILE D 88 -19.77 -1.96 35.93
C ILE D 88 -19.70 -3.28 35.17
N LEU D 89 -20.53 -4.23 35.57
CA LEU D 89 -20.57 -5.53 34.91
C LEU D 89 -21.17 -5.45 33.51
N ALA D 90 -21.81 -4.33 33.18
CA ALA D 90 -22.28 -4.08 31.82
C ALA D 90 -21.09 -3.76 30.91
N TYR D 91 -20.15 -2.96 31.41
CA TYR D 91 -18.91 -2.66 30.69
C TYR D 91 -18.30 -3.94 30.13
N TYR D 92 -18.28 -4.99 30.95
CA TYR D 92 -17.79 -6.28 30.49
C TYR D 92 -18.85 -6.99 29.65
N GLN D 93 -20.11 -6.88 30.05
CA GLN D 93 -21.17 -7.59 29.34
C GLN D 93 -21.43 -6.97 27.97
N GLN D 94 -21.46 -5.64 27.91
CA GLN D 94 -21.64 -4.94 26.65
C GLN D 94 -20.44 -5.23 25.71
N THR D 95 -19.29 -5.50 26.30
CA THR D 95 -18.11 -5.83 25.51
C THR D 95 -18.27 -7.21 24.87
N LEU D 96 -18.78 -8.18 25.63
CA LEU D 96 -19.12 -9.49 25.09
C LEU D 96 -20.06 -9.32 23.89
N ASN D 97 -21.13 -8.56 24.10
CA ASN D 97 -22.16 -8.33 23.09
C ASN D 97 -21.63 -7.65 21.84
N GLN D 98 -21.01 -6.50 22.02
CA GLN D 98 -20.49 -5.70 20.90
C GLN D 98 -19.11 -6.15 20.45
N PHE D 99 -18.77 -7.40 20.75
CA PHE D 99 -17.50 -8.00 20.34
C PHE D 99 -17.57 -8.40 18.87
N SER D 100 -18.79 -8.64 18.40
CA SER D 100 -19.00 -9.19 17.07
C SER D 100 -20.02 -8.38 16.28
N GLN D 101 -19.88 -8.42 14.96
CA GLN D 101 -20.78 -7.71 14.06
C GLN D 101 -21.30 -8.66 12.97
N HIS D 102 -22.52 -9.15 13.16
CA HIS D 102 -23.14 -10.09 12.22
C HIS D 102 -22.28 -11.34 11.98
N GLY D 103 -21.63 -11.82 13.03
CA GLY D 103 -20.74 -12.97 12.91
C GLY D 103 -19.31 -12.57 12.57
N THR D 104 -19.04 -11.27 12.54
CA THR D 104 -17.71 -10.77 12.25
C THR D 104 -17.15 -10.01 13.45
N ILE D 105 -15.92 -10.33 13.82
CA ILE D 105 -15.23 -9.60 14.88
C ILE D 105 -15.02 -8.15 14.48
N SER D 106 -15.57 -7.23 15.28
CA SER D 106 -15.25 -5.82 15.13
C SER D 106 -13.95 -5.60 15.87
N GLY D 107 -12.96 -4.99 15.21
CA GLY D 107 -11.68 -4.77 15.85
C GLY D 107 -11.79 -3.75 16.97
N CYS D 108 -10.65 -3.48 17.61
CA CYS D 108 -10.55 -2.36 18.53
C CYS D 108 -9.48 -1.44 17.98
N LEU D 109 -9.74 -0.13 18.02
CA LEU D 109 -8.82 0.83 17.43
C LEU D 109 -7.50 0.91 18.20
N THR D 110 -7.58 0.86 19.52
CA THR D 110 -6.41 0.87 20.40
C THR D 110 -5.48 -0.33 20.15
N VAL D 111 -6.08 -1.46 19.76
CA VAL D 111 -5.30 -2.65 19.46
C VAL D 111 -4.64 -2.57 18.08
N LYS D 112 -5.43 -2.20 17.07
CA LYS D 112 -4.91 -2.16 15.72
C LYS D 112 -3.74 -1.18 15.66
N LEU D 113 -3.88 -0.05 16.36
CA LEU D 113 -2.86 0.97 16.31
C LEU D 113 -1.69 0.67 17.26
N SER D 114 -1.88 -0.26 18.18
CA SER D 114 -0.78 -0.60 19.08
C SER D 114 0.36 -1.26 18.31
N ALA D 115 0.03 -1.91 17.20
CA ALA D 115 1.03 -2.51 16.33
C ALA D 115 1.98 -1.48 15.70
N GLU D 116 1.60 -0.20 15.73
CA GLU D 116 2.33 0.81 15.00
C GLU D 116 2.96 1.90 15.86
N VAL D 117 2.84 1.78 17.18
CA VAL D 117 3.23 2.87 18.06
C VAL D 117 4.68 3.30 17.84
N SER D 118 5.52 2.37 17.40
CA SER D 118 6.93 2.62 17.15
C SER D 118 7.15 3.72 16.10
N ASP D 119 6.26 3.81 15.13
CA ASP D 119 6.38 4.76 14.04
C ASP D 119 5.33 5.88 14.08
N LEU D 120 4.37 5.74 14.98
CA LEU D 120 3.36 6.78 15.19
C LEU D 120 3.97 8.04 15.82
N SER D 121 3.47 9.21 15.41
CA SER D 121 3.93 10.45 16.02
C SER D 121 3.65 10.41 17.51
N GLU D 122 4.50 11.07 18.29
CA GLU D 122 4.28 11.20 19.72
C GLU D 122 2.91 11.80 19.96
N ASP D 123 2.52 12.71 19.06
CA ASP D 123 1.22 13.37 19.15
C ASP D 123 0.09 12.34 19.17
N MET D 124 0.25 11.26 18.41
CA MET D 124 -0.76 10.21 18.37
C MET D 124 -0.64 9.18 19.50
N ARG D 125 0.58 8.75 19.82
CA ARG D 125 0.80 7.89 21.00
C ARG D 125 0.12 8.54 22.20
N SER D 126 0.36 9.85 22.38
CA SER D 126 -0.18 10.62 23.48
C SER D 126 -1.71 10.66 23.48
N ALA D 127 -2.30 10.73 22.29
CA ALA D 127 -3.75 10.67 22.21
C ALA D 127 -4.27 9.32 22.71
N MET D 128 -3.58 8.23 22.37
CA MET D 128 -4.00 6.89 22.80
C MET D 128 -3.84 6.75 24.30
N ASP D 129 -2.73 7.24 24.83
CA ASP D 129 -2.50 7.31 26.26
C ASP D 129 -3.67 7.99 26.94
N LYS D 130 -3.97 9.21 26.49
CA LYS D 130 -5.04 10.01 27.05
C LYS D 130 -6.35 9.24 26.96
N GLY D 131 -6.54 8.55 25.85
CA GLY D 131 -7.72 7.74 25.66
C GLY D 131 -7.87 6.68 26.72
N ALA D 132 -6.79 5.94 26.98
CA ALA D 132 -6.86 4.80 27.87
C ALA D 132 -6.99 5.29 29.33
N ARG D 133 -6.35 6.42 29.61
CA ARG D 133 -6.40 7.00 30.94
C ARG D 133 -7.80 7.51 31.28
N GLY D 134 -8.53 8.00 30.28
CA GLY D 134 -9.87 8.49 30.50
C GLY D 134 -10.83 7.36 30.78
N VAL D 135 -10.58 6.22 30.15
CA VAL D 135 -11.36 5.02 30.41
C VAL D 135 -11.09 4.53 31.84
N ILE D 136 -9.81 4.48 32.20
CA ILE D 136 -9.41 4.08 33.53
C ILE D 136 -10.04 4.97 34.62
N ALA D 137 -10.04 6.28 34.39
CA ALA D 137 -10.60 7.22 35.35
C ALA D 137 -12.10 6.97 35.58
N LEU D 138 -12.85 6.82 34.49
CA LEU D 138 -14.28 6.52 34.58
C LEU D 138 -14.52 5.25 35.39
N LEU D 139 -13.69 4.24 35.14
CA LEU D 139 -13.79 2.99 35.86
C LEU D 139 -13.45 3.20 37.34
N SER D 140 -12.55 4.13 37.62
CA SER D 140 -12.14 4.39 38.99
C SER D 140 -13.22 5.15 39.75
N GLN D 141 -13.75 6.22 39.14
CA GLN D 141 -14.84 6.98 39.73
C GLN D 141 -16.01 6.07 40.05
N ALA D 142 -16.31 5.18 39.12
CA ALA D 142 -17.39 4.20 39.31
C ALA D 142 -17.09 3.23 40.46
N LEU D 143 -15.82 2.85 40.61
CA LEU D 143 -15.43 1.94 41.69
C LEU D 143 -15.56 2.64 43.05
N GLU D 144 -15.30 3.93 43.08
CA GLU D 144 -15.43 4.70 44.33
C GLU D 144 -16.91 4.85 44.71
N ASN D 145 -17.74 5.16 43.72
CA ASN D 145 -19.16 5.41 43.95
C ASN D 145 -19.93 4.17 44.42
N GLY D 146 -19.45 2.98 44.06
CA GLY D 146 -20.02 1.75 44.58
C GLY D 146 -19.44 1.44 45.95
N ARG D 147 -18.17 1.80 46.13
CA ARG D 147 -17.49 1.64 47.41
C ARG D 147 -18.10 2.59 48.45
N GLU D 148 -18.27 3.85 48.07
CA GLU D 148 -18.89 4.86 48.93
C GLU D 148 -20.23 4.37 49.49
N ASN D 149 -21.21 4.19 48.63
CA ASN D 149 -22.54 3.73 49.05
C ASN D 149 -22.68 2.22 49.13
N HIS D 150 -21.58 1.53 49.36
CA HIS D 150 -21.59 0.10 49.73
C HIS D 150 -22.27 -0.83 48.71
N SER D 151 -22.18 -0.49 47.42
CA SER D 151 -22.76 -1.31 46.35
C SER D 151 -21.84 -2.46 45.93
N LEU D 152 -20.56 -2.37 46.34
CA LEU D 152 -19.56 -3.36 46.00
C LEU D 152 -18.35 -3.20 46.90
N THR D 153 -17.52 -4.23 46.95
CA THR D 153 -16.28 -4.15 47.70
C THR D 153 -15.11 -4.80 46.96
N PHE D 154 -13.93 -4.22 47.12
CA PHE D 154 -12.71 -4.71 46.48
C PHE D 154 -11.49 -4.26 47.28
N SER D 155 -10.40 -5.00 47.14
CA SER D 155 -9.17 -4.68 47.83
C SER D 155 -8.40 -3.55 47.14
N GLY D 156 -7.80 -2.67 47.93
CA GLY D 156 -6.86 -1.68 47.42
C GLY D 156 -7.43 -0.34 46.95
N GLU D 157 -6.62 0.40 46.20
CA GLU D 157 -7.01 1.71 45.67
C GLU D 157 -7.82 1.57 44.37
N PRO D 158 -8.77 2.49 44.17
CA PRO D 158 -9.70 2.41 43.02
C PRO D 158 -8.95 2.52 41.69
N LEU D 159 -7.97 3.41 41.63
CA LEU D 159 -7.24 3.65 40.40
C LEU D 159 -6.45 2.42 39.97
N GLN D 160 -5.75 1.83 40.92
CA GLN D 160 -4.94 0.65 40.63
C GLN D 160 -5.85 -0.48 40.20
N GLN D 161 -6.99 -0.63 40.87
CA GLN D 161 -7.94 -1.68 40.52
C GLN D 161 -8.53 -1.45 39.11
N ALA D 162 -8.92 -0.21 38.83
CA ALA D 162 -9.49 0.11 37.52
C ALA D 162 -8.46 -0.19 36.45
N GLN D 163 -7.19 0.05 36.75
CA GLN D 163 -6.12 -0.24 35.84
C GLN D 163 -5.98 -1.73 35.57
N VAL D 164 -6.08 -2.54 36.62
CA VAL D 164 -6.10 -3.99 36.43
C VAL D 164 -7.27 -4.41 35.55
N LEU D 165 -8.44 -3.84 35.80
CA LEU D 165 -9.64 -4.18 35.04
C LEU D 165 -9.42 -3.85 33.57
N TYR D 166 -8.80 -2.71 33.33
CA TYR D 166 -8.55 -2.30 31.97
C TYR D 166 -7.57 -3.29 31.30
N ALA D 167 -6.50 -3.68 32.01
CA ALA D 167 -5.53 -4.60 31.43
C ALA D 167 -6.15 -5.97 31.15
N LEU D 168 -7.07 -6.38 32.01
CA LEU D 168 -7.72 -7.67 31.87
C LEU D 168 -8.62 -7.62 30.65
N TRP D 169 -9.36 -6.52 30.54
CA TRP D 169 -10.27 -6.32 29.42
C TRP D 169 -9.50 -6.33 28.08
N LEU D 170 -8.38 -5.62 28.02
CA LEU D 170 -7.54 -5.62 26.82
C LEU D 170 -7.04 -7.02 26.50
N GLY D 171 -6.49 -7.68 27.53
CA GLY D 171 -5.91 -9.00 27.37
C GLY D 171 -6.95 -10.02 26.96
N ALA D 172 -8.11 -9.96 27.60
CA ALA D 172 -9.15 -10.90 27.22
C ALA D 172 -9.58 -10.65 25.77
N ASN D 173 -9.57 -9.39 25.34
CA ASN D 173 -9.95 -9.09 23.95
C ASN D 173 -8.95 -9.66 22.97
N LEU D 174 -7.66 -9.50 23.25
CA LEU D 174 -6.63 -10.08 22.38
C LEU D 174 -6.80 -11.59 22.32
N GLN D 175 -7.03 -12.21 23.47
CA GLN D 175 -7.15 -13.67 23.50
C GLN D 175 -8.38 -14.17 22.73
N ALA D 176 -9.48 -13.42 22.81
CA ALA D 176 -10.69 -13.76 22.08
C ALA D 176 -10.43 -13.69 20.57
N LYS D 177 -9.73 -12.65 20.14
CA LYS D 177 -9.39 -12.50 18.71
C LYS D 177 -8.52 -13.67 18.25
N ILE D 178 -7.44 -13.92 18.98
CA ILE D 178 -6.55 -15.04 18.65
C ILE D 178 -7.24 -16.41 18.67
N SER D 179 -8.12 -16.62 19.63
CA SER D 179 -8.71 -17.95 19.74
C SER D 179 -9.98 -18.05 18.93
N ARG D 180 -10.50 -16.89 18.50
CA ARG D 180 -11.83 -16.82 17.89
C ARG D 180 -12.87 -17.45 18.80
N SER D 181 -12.87 -17.08 20.06
CA SER D 181 -13.80 -17.66 21.02
C SER D 181 -14.14 -16.55 21.98
N PHE D 182 -15.34 -16.51 22.52
CA PHE D 182 -15.57 -15.51 23.55
C PHE D 182 -15.34 -16.04 24.99
N GLU D 183 -14.85 -17.28 25.09
CA GLU D 183 -14.48 -17.85 26.39
C GLU D 183 -13.55 -16.93 27.19
N PRO D 184 -12.48 -16.36 26.58
CA PRO D 184 -11.65 -15.47 27.41
C PRO D 184 -12.45 -14.33 27.99
N LEU D 185 -13.44 -13.83 27.25
CA LEU D 185 -14.21 -12.69 27.70
C LEU D 185 -15.21 -13.13 28.78
N GLU D 186 -15.85 -14.28 28.58
CA GLU D 186 -16.70 -14.87 29.61
C GLU D 186 -15.87 -15.12 30.84
N ASN D 187 -14.70 -15.71 30.65
CA ASN D 187 -13.83 -16.03 31.79
C ASN D 187 -13.45 -14.76 32.53
N ALA D 188 -13.10 -13.68 31.81
CA ALA D 188 -12.74 -12.45 32.52
C ALA D 188 -13.92 -11.87 33.31
N LEU D 189 -15.11 -11.89 32.72
CA LEU D 189 -16.32 -11.39 33.38
C LEU D 189 -16.52 -12.13 34.70
N ALA D 190 -16.51 -13.45 34.64
CA ALA D 190 -16.65 -14.28 35.84
C ALA D 190 -15.67 -13.83 36.93
N HIS D 191 -14.43 -13.53 36.53
CA HIS D 191 -13.44 -13.11 37.51
C HIS D 191 -13.66 -11.70 38.04
N VAL D 192 -14.16 -10.81 37.18
CA VAL D 192 -14.56 -9.49 37.65
C VAL D 192 -15.64 -9.59 38.75
N LYS D 193 -16.60 -10.50 38.59
CA LYS D 193 -17.66 -10.70 39.59
C LYS D 193 -17.10 -11.03 40.98
N ASN D 194 -16.00 -11.77 41.00
CA ASN D 194 -15.35 -12.13 42.26
C ASN D 194 -14.50 -11.00 42.83
N ILE D 195 -13.66 -10.39 42.00
CA ILE D 195 -12.83 -9.27 42.43
C ILE D 195 -13.69 -8.07 42.86
N ILE D 196 -14.87 -7.93 42.24
CA ILE D 196 -15.78 -6.85 42.59
C ILE D 196 -17.10 -7.41 43.13
N ALA D 197 -17.08 -7.85 44.39
CA ALA D 197 -18.21 -8.61 44.95
C ALA D 197 -19.16 -7.76 45.77
N THR D 198 -20.37 -8.30 45.97
CA THR D 198 -21.34 -7.70 46.90
C THR D 198 -20.78 -7.87 48.31
N PRO D 199 -20.89 -6.81 49.13
CA PRO D 199 -20.49 -6.88 50.54
C PRO D 199 -21.35 -7.88 51.32
#